data_6HTM
#
_entry.id   6HTM
#
_cell.length_a   94.530
_cell.length_b   47.140
_cell.length_c   113.900
_cell.angle_alpha   90.00
_cell.angle_beta   108.90
_cell.angle_gamma   90.00
#
_symmetry.space_group_name_H-M   'P 1 2 1'
#
loop_
_entity.id
_entity.type
_entity.pdbx_description
1 polymer '3-methyl-2-indolic acid synthase'
2 non-polymer 2-(1H-INDOL-3-YL)ETHANAMINE
3 non-polymer 'IRON/SULFUR CLUSTER'
4 non-polymer METHIONINE
5 non-polymer "5'-DEOXYADENOSINE"
6 non-polymer GLYCEROL
7 non-polymer 'BROMIDE ION'
8 non-polymer 'CHLORIDE ION'
9 non-polymer 'ZINC ION'
10 water water
#
_entity_poly.entity_id   1
_entity_poly.type   'polypeptide(L)'
_entity_poly.pdbx_seq_one_letter_code
;MTQNSQAMTSHAMTGDFVLPELEDVRAEAATVDTRAVLALAEGEEPAESRAAVALALWEDRSIGTAELQAAAEARCGARR
PRLHTFVPLYTTNYCDSECKMCSMRKGNHRLDRKFSGRKEITEQLEILYHHEGVRGVGFLTGEYEDKHTRLASAFRIGWA
IRTALDLGFERVYFNIGSMEQDEIDVLGEWIGREDPVTMCVFQESYDRETYRRFMGKTSVGVPKADFDRRVVSFDRWLDA
GYRYVNPGVLVGLHDDLSAELVSLVAHGDHLRSRGATADLSVPRMRPAMKSRDTTRVGDDDYLRLMSVVAFTCPEQRLVL
TTREPQEFQDVALGLAGVISPGSPDVAPYRAGCEARNDEKSSQFLVADLRRPRHILGRIEASGTPVDHFVNPAGEASRAV
;
_entity_poly.pdbx_strand_id   A,B
#
# COMPACT_ATOMS: atom_id res chain seq x y z
N GLY A 15 44.88 16.37 -2.55
CA GLY A 15 44.42 14.98 -2.61
C GLY A 15 42.92 14.88 -2.57
N ASP A 16 42.27 16.02 -2.69
CA ASP A 16 40.82 16.04 -2.80
C ASP A 16 40.40 15.69 -4.23
N PHE A 17 39.13 15.39 -4.40
CA PHE A 17 38.61 15.07 -5.73
C PHE A 17 38.80 16.27 -6.66
N VAL A 18 39.30 16.03 -7.86
CA VAL A 18 39.42 17.07 -8.88
C VAL A 18 38.51 16.66 -10.03
N LEU A 19 37.59 17.52 -10.46
CA LEU A 19 36.71 17.17 -11.58
C LEU A 19 37.52 16.84 -12.83
N PRO A 20 37.15 15.79 -13.57
CA PRO A 20 37.89 15.43 -14.78
C PRO A 20 37.62 16.43 -15.90
N GLU A 21 38.57 16.52 -16.84
CA GLU A 21 38.40 17.38 -18.00
C GLU A 21 37.69 16.59 -19.10
N LEU A 22 36.46 16.99 -19.44
CA LEU A 22 35.66 16.15 -20.33
C LEU A 22 36.38 15.94 -21.65
N GLU A 23 37.05 16.98 -22.16
CA GLU A 23 37.80 16.85 -23.41
C GLU A 23 38.83 15.74 -23.33
N ASP A 24 39.53 15.62 -22.19
CA ASP A 24 40.49 14.53 -21.99
C ASP A 24 39.80 13.18 -21.94
N VAL A 25 38.69 13.06 -21.20
CA VAL A 25 37.98 11.79 -21.16
C VAL A 25 37.50 11.39 -22.56
N ARG A 26 36.96 12.35 -23.33
CA ARG A 26 36.51 12.05 -24.68
C ARG A 26 37.65 11.44 -25.51
N ALA A 27 38.84 12.02 -25.41
CA ALA A 27 39.97 11.52 -26.18
C ALA A 27 40.31 10.10 -25.77
N GLU A 28 40.34 9.82 -24.47
CA GLU A 28 40.61 8.45 -24.05
C GLU A 28 39.45 7.52 -24.45
N ALA A 29 38.22 8.01 -24.44
CA ALA A 29 37.07 7.19 -24.81
C ALA A 29 37.18 6.74 -26.27
N ALA A 30 37.80 7.56 -27.11
CA ALA A 30 37.96 7.24 -28.52
C ALA A 30 38.85 6.03 -28.75
N THR A 31 39.70 5.68 -27.79
CA THR A 31 40.60 4.54 -27.91
C THR A 31 40.04 3.25 -27.33
N VAL A 32 38.89 3.31 -26.64
CA VAL A 32 38.29 2.12 -26.01
C VAL A 32 37.66 1.21 -27.06
N ASP A 33 37.96 -0.08 -26.97
CA ASP A 33 37.29 -1.10 -27.81
C ASP A 33 36.06 -1.60 -27.03
N THR A 34 34.88 -1.05 -27.34
CA THR A 34 33.73 -1.32 -26.49
C THR A 34 33.31 -2.78 -26.55
N ARG A 35 33.48 -3.45 -27.71
CA ARG A 35 33.14 -4.86 -27.76
C ARG A 35 34.09 -5.70 -26.90
N ALA A 36 35.40 -5.39 -26.93
CA ALA A 36 36.32 -6.09 -26.05
C ALA A 36 35.94 -5.88 -24.59
N VAL A 37 35.57 -4.65 -24.22
CA VAL A 37 35.12 -4.36 -22.87
C VAL A 37 33.96 -5.28 -22.49
N LEU A 38 32.98 -5.41 -23.38
CA LEU A 38 31.85 -6.27 -23.05
C LEU A 38 32.29 -7.72 -22.87
N ALA A 39 33.35 -8.14 -23.58
CA ALA A 39 33.82 -9.51 -23.51
C ALA A 39 34.61 -9.80 -22.24
N LEU A 40 34.93 -8.77 -21.45
CA LEU A 40 35.71 -8.94 -20.24
C LEU A 40 35.00 -9.87 -19.26
N ALA A 41 35.78 -10.72 -18.62
CA ALA A 41 35.24 -11.56 -17.57
C ALA A 41 34.89 -10.73 -16.34
N GLU A 42 33.91 -11.21 -15.57
CA GLU A 42 33.61 -10.56 -14.32
C GLU A 42 34.85 -10.60 -13.44
N GLY A 43 35.16 -9.47 -12.81
CA GLY A 43 36.41 -9.35 -12.08
C GLY A 43 37.61 -9.08 -12.95
N GLU A 44 37.40 -8.56 -14.16
CA GLU A 44 38.47 -8.12 -15.04
C GLU A 44 38.27 -6.64 -15.34
N GLU A 45 39.36 -5.89 -15.45
CA GLU A 45 39.25 -4.45 -15.50
C GLU A 45 39.78 -3.93 -16.83
N PRO A 46 39.05 -3.04 -17.51
CA PRO A 46 39.52 -2.53 -18.80
C PRO A 46 40.83 -1.77 -18.63
N ALA A 47 41.55 -1.63 -19.75
CA ALA A 47 42.84 -0.97 -19.70
C ALA A 47 42.70 0.53 -19.49
N GLU A 48 41.65 1.15 -20.00
CA GLU A 48 41.40 2.59 -19.92
C GLU A 48 40.70 2.98 -18.61
N SER A 49 40.59 4.29 -18.35
CA SER A 49 39.93 4.69 -17.10
C SER A 49 38.47 4.32 -17.12
N ARG A 50 37.90 4.18 -15.91
CA ARG A 50 36.48 3.86 -15.80
C ARG A 50 35.66 4.93 -16.49
N ALA A 51 35.99 6.20 -16.28
CA ALA A 51 35.19 7.27 -16.87
C ALA A 51 35.25 7.23 -18.38
N ALA A 52 36.43 6.94 -18.95
CA ALA A 52 36.54 6.82 -20.40
C ALA A 52 35.71 5.64 -20.93
N VAL A 53 35.71 4.51 -20.20
CA VAL A 53 34.98 3.35 -20.70
C VAL A 53 33.50 3.61 -20.62
N ALA A 54 33.05 4.21 -19.50
CA ALA A 54 31.64 4.60 -19.37
C ALA A 54 31.20 5.49 -20.52
N LEU A 55 31.98 6.53 -20.82
CA LEU A 55 31.66 7.38 -21.96
C LEU A 55 31.61 6.57 -23.26
N ALA A 56 32.58 5.68 -23.47
CA ALA A 56 32.62 4.95 -24.72
C ALA A 56 31.41 4.05 -24.86
N LEU A 57 30.99 3.36 -23.76
CA LEU A 57 29.80 2.52 -23.79
C LEU A 57 28.57 3.36 -24.05
N TRP A 58 28.45 4.48 -23.33
CA TRP A 58 27.33 5.41 -23.53
C TRP A 58 27.21 5.79 -25.00
N GLU A 59 28.30 6.19 -25.62
CA GLU A 59 28.17 6.77 -26.96
C GLU A 59 28.09 5.73 -28.07
N ASP A 60 28.38 4.47 -27.79
CA ASP A 60 28.43 3.50 -28.89
C ASP A 60 27.05 2.90 -29.06
N ARG A 61 26.28 3.51 -29.95
CA ARG A 61 24.88 3.16 -30.12
C ARG A 61 24.67 1.86 -30.89
N SER A 62 25.72 1.29 -31.49
CA SER A 62 25.65 -0.09 -31.96
C SER A 62 25.51 -1.09 -30.79
N ILE A 63 25.77 -0.68 -29.55
CA ILE A 63 25.42 -1.52 -28.40
C ILE A 63 24.05 -1.04 -27.90
N GLY A 64 23.04 -1.90 -28.03
CA GLY A 64 21.70 -1.55 -27.56
C GLY A 64 21.62 -1.35 -26.05
N THR A 65 20.73 -0.46 -25.63
CA THR A 65 20.54 -0.25 -24.19
C THR A 65 20.17 -1.54 -23.48
N ALA A 66 19.28 -2.36 -24.08
CA ALA A 66 18.92 -3.60 -23.40
C ALA A 66 20.12 -4.53 -23.27
N GLU A 67 21.02 -4.52 -24.25
CA GLU A 67 22.19 -5.37 -24.24
C GLU A 67 23.21 -4.86 -23.23
N LEU A 68 23.32 -3.54 -23.10
CA LEU A 68 24.14 -2.96 -22.04
C LEU A 68 23.56 -3.30 -20.68
N GLN A 69 22.24 -3.28 -20.56
CA GLN A 69 21.68 -3.56 -19.24
C GLN A 69 21.92 -5.03 -18.86
N ALA A 70 21.72 -5.95 -19.82
CA ALA A 70 22.00 -7.36 -19.56
C ALA A 70 23.46 -7.56 -19.13
N ALA A 71 24.40 -6.91 -19.84
CA ALA A 71 25.82 -7.02 -19.51
C ALA A 71 26.13 -6.47 -18.14
N ALA A 72 25.55 -5.32 -17.79
CA ALA A 72 25.72 -4.75 -16.45
C ALA A 72 25.20 -5.70 -15.38
N GLU A 73 23.99 -6.24 -15.56
CA GLU A 73 23.46 -7.15 -14.54
C GLU A 73 24.34 -8.38 -14.37
N ALA A 74 24.90 -8.89 -15.46
CA ALA A 74 25.81 -10.03 -15.33
C ALA A 74 27.11 -9.63 -14.64
N ARG A 75 27.72 -8.49 -15.04
CA ARG A 75 29.00 -8.09 -14.45
C ARG A 75 28.88 -7.88 -12.96
N CYS A 76 27.70 -7.52 -12.48
CA CYS A 76 27.42 -7.33 -11.05
C CYS A 76 26.84 -8.56 -10.39
N GLY A 77 26.57 -9.61 -11.18
CA GLY A 77 25.77 -10.76 -10.72
C GLY A 77 26.35 -11.51 -9.55
N ALA A 78 27.67 -11.48 -9.38
CA ALA A 78 28.36 -12.17 -8.32
C ALA A 78 28.33 -11.44 -6.98
N ARG A 79 27.92 -10.18 -6.96
CA ARG A 79 28.04 -9.35 -5.75
C ARG A 79 27.07 -9.85 -4.67
N ARG A 80 27.54 -9.93 -3.42
CA ARG A 80 26.72 -10.39 -2.30
C ARG A 80 26.83 -9.42 -1.14
N PRO A 81 25.70 -9.07 -0.50
CA PRO A 81 24.34 -9.53 -0.85
C PRO A 81 23.85 -8.93 -2.15
N ARG A 82 22.90 -9.54 -2.86
CA ARG A 82 22.43 -8.93 -4.11
C ARG A 82 21.81 -7.54 -3.86
N LEU A 83 21.05 -7.39 -2.78
CA LEU A 83 20.40 -6.13 -2.46
C LEU A 83 20.41 -5.93 -0.97
N HIS A 84 20.52 -4.67 -0.55
CA HIS A 84 20.16 -4.33 0.81
C HIS A 84 19.26 -3.11 0.78
N THR A 85 18.61 -2.80 1.92
CA THR A 85 17.61 -1.73 1.90
C THR A 85 17.82 -0.74 3.04
N PHE A 86 17.37 0.50 2.81
CA PHE A 86 17.13 1.46 3.89
C PHE A 86 15.94 2.33 3.51
N VAL A 87 15.30 2.86 4.53
CA VAL A 87 14.11 3.68 4.34
C VAL A 87 14.48 5.08 4.78
N PRO A 88 14.15 6.11 4.00
CA PRO A 88 14.48 7.49 4.40
C PRO A 88 13.56 8.01 5.48
N LEU A 89 14.16 8.75 6.41
CA LEU A 89 13.37 9.39 7.47
C LEU A 89 13.77 10.86 7.46
N TYR A 90 12.91 11.72 6.91
CA TYR A 90 13.15 13.19 6.94
C TYR A 90 12.82 13.68 8.34
N THR A 91 13.80 14.27 9.03
CA THR A 91 13.64 14.69 10.42
C THR A 91 13.17 16.13 10.56
N THR A 92 13.10 16.87 9.45
CA THR A 92 12.64 18.24 9.40
C THR A 92 12.54 18.56 7.93
N ASN A 93 11.76 19.57 7.60
CA ASN A 93 11.76 20.10 6.24
C ASN A 93 12.12 21.58 6.24
N TYR A 94 12.68 22.11 7.36
CA TYR A 94 13.34 23.42 7.30
C TYR A 94 14.59 23.35 6.47
N CYS A 95 14.86 24.42 5.74
CA CYS A 95 16.09 24.50 4.98
C CYS A 95 16.41 25.98 4.77
N ASP A 96 17.71 26.31 4.79
CA ASP A 96 18.19 27.64 4.48
C ASP A 96 18.56 27.82 3.02
N SER A 97 18.66 26.75 2.22
CA SER A 97 19.13 26.93 0.87
C SER A 97 17.91 27.12 -0.06
N GLU A 98 18.18 27.14 -1.40
CA GLU A 98 17.19 27.66 -2.33
C GLU A 98 17.12 26.86 -3.61
N CYS A 99 17.37 25.57 -3.57
CA CYS A 99 17.44 24.77 -4.80
C CYS A 99 16.10 24.84 -5.55
N LYS A 100 16.16 25.26 -6.84
CA LYS A 100 14.95 25.62 -7.50
C LYS A 100 14.10 24.42 -7.89
N MET A 101 14.63 23.20 -7.81
CA MET A 101 13.85 22.02 -8.13
C MET A 101 13.22 21.38 -6.91
N CYS A 102 13.40 21.96 -5.69
CA CYS A 102 13.10 21.28 -4.44
C CYS A 102 12.03 22.06 -3.66
N SER A 103 11.00 21.37 -3.14
CA SER A 103 9.94 22.08 -2.40
C SER A 103 10.44 22.65 -1.06
N MET A 104 11.53 22.13 -0.53
CA MET A 104 12.02 22.57 0.79
C MET A 104 12.77 23.89 0.72
N ARG A 105 13.01 24.40 -0.49
CA ARG A 105 13.76 25.64 -0.63
C ARG A 105 13.17 26.73 0.27
N LYS A 106 14.06 27.54 0.87
CA LYS A 106 13.64 28.47 1.92
C LYS A 106 12.60 29.47 1.41
N GLY A 107 12.73 29.91 0.16
CA GLY A 107 11.76 30.85 -0.43
C GLY A 107 10.37 30.26 -0.72
N ASN A 108 10.18 28.94 -0.56
CA ASN A 108 8.84 28.36 -0.74
C ASN A 108 8.01 28.59 0.52
N HIS A 109 7.31 29.72 0.54
CA HIS A 109 6.50 30.07 1.70
C HIS A 109 5.23 29.23 1.82
N ARG A 110 4.89 28.45 0.80
CA ARG A 110 3.73 27.58 0.89
C ARG A 110 3.95 26.35 1.78
N LEU A 111 5.19 25.91 2.00
CA LEU A 111 5.42 24.68 2.74
C LEU A 111 5.06 24.83 4.21
N ASP A 112 4.38 23.82 4.77
CA ASP A 112 4.20 23.75 6.22
C ASP A 112 5.45 23.13 6.83
N ARG A 113 6.18 23.93 7.57
CA ARG A 113 7.47 23.49 8.07
C ARG A 113 7.32 22.69 9.36
N LYS A 114 8.07 21.59 9.47
CA LYS A 114 7.92 20.65 10.57
C LYS A 114 9.30 20.26 11.10
N PHE A 115 9.34 19.84 12.37
CA PHE A 115 10.60 19.43 12.98
C PHE A 115 10.31 18.30 13.96
N SER A 116 11.02 17.19 13.83
CA SER A 116 10.82 16.02 14.71
C SER A 116 11.74 16.11 15.93
N GLY A 117 11.15 16.09 17.12
CA GLY A 117 11.91 15.95 18.35
C GLY A 117 12.26 14.50 18.68
N ARG A 118 12.83 14.36 19.88
CA ARG A 118 13.25 13.06 20.38
C ARG A 118 12.13 12.04 20.28
N LYS A 119 10.92 12.40 20.75
CA LYS A 119 9.80 11.45 20.80
C LYS A 119 9.41 10.98 19.40
N GLU A 120 9.25 11.93 18.47
CA GLU A 120 8.81 11.59 17.13
C GLU A 120 9.88 10.80 16.40
N ILE A 121 11.15 11.20 16.49
CA ILE A 121 12.19 10.41 15.81
C ILE A 121 12.18 8.96 16.29
N THR A 122 12.11 8.78 17.61
CA THR A 122 12.15 7.44 18.17
C THR A 122 10.92 6.65 17.74
N GLU A 123 9.75 7.26 17.79
CA GLU A 123 8.53 6.57 17.36
C GLU A 123 8.62 6.10 15.90
N GLN A 124 9.15 6.98 15.02
CA GLN A 124 9.29 6.62 13.60
C GLN A 124 10.25 5.47 13.43
N LEU A 125 11.37 5.47 14.15
CA LEU A 125 12.31 4.36 14.03
C LEU A 125 11.68 3.08 14.51
N GLU A 126 10.86 3.14 15.58
CA GLU A 126 10.22 1.92 16.06
C GLU A 126 9.20 1.39 15.07
N ILE A 127 8.49 2.29 14.40
CA ILE A 127 7.55 1.84 13.38
C ILE A 127 8.30 1.14 12.26
N LEU A 128 9.37 1.78 11.76
CA LEU A 128 10.13 1.19 10.69
C LEU A 128 10.69 -0.18 11.08
N TYR A 129 11.22 -0.28 12.32
CA TYR A 129 11.85 -1.52 12.77
C TYR A 129 10.80 -2.62 12.94
N HIS A 130 9.75 -2.34 13.73
CA HIS A 130 8.82 -3.42 14.11
C HIS A 130 7.73 -3.67 13.08
N HIS A 131 7.21 -2.63 12.43
CA HIS A 131 6.08 -2.79 11.52
C HIS A 131 6.50 -2.92 10.10
N GLU A 132 7.57 -2.25 9.70
CA GLU A 132 8.03 -2.46 8.33
C GLU A 132 9.12 -3.52 8.23
N GLY A 133 9.71 -3.93 9.36
CA GLY A 133 10.76 -4.97 9.30
C GLY A 133 12.08 -4.51 8.74
N VAL A 134 12.35 -3.21 8.68
CA VAL A 134 13.59 -2.78 8.03
C VAL A 134 14.69 -2.58 9.06
N ARG A 135 15.93 -2.77 8.61
CA ARG A 135 17.10 -2.56 9.48
C ARG A 135 18.08 -1.58 8.89
N GLY A 136 17.64 -0.80 7.91
CA GLY A 136 18.41 0.31 7.40
C GLY A 136 17.53 1.54 7.41
N VAL A 137 18.11 2.67 7.79
CA VAL A 137 17.38 3.92 7.80
C VAL A 137 18.33 5.02 7.32
N GLY A 138 17.76 6.07 6.73
CA GLY A 138 18.54 7.24 6.34
C GLY A 138 17.91 8.46 6.99
N PHE A 139 18.74 9.38 7.49
CA PHE A 139 18.24 10.58 8.14
C PHE A 139 18.49 11.75 7.22
N LEU A 140 17.46 12.59 7.02
CA LEU A 140 17.63 13.73 6.14
C LEU A 140 17.23 15.03 6.84
N THR A 141 17.85 16.13 6.41
CA THR A 141 17.49 17.46 6.87
C THR A 141 17.62 18.42 5.70
N GLY A 142 17.36 19.70 5.97
CA GLY A 142 17.75 20.74 5.01
C GLY A 142 19.25 20.99 5.17
N GLU A 143 19.80 21.99 4.44
CA GLU A 143 21.16 22.47 4.69
C GLU A 143 21.08 23.90 5.20
N TYR A 144 21.90 24.21 6.22
CA TYR A 144 21.75 25.46 6.95
C TYR A 144 22.94 26.38 6.73
N GLU A 145 22.70 27.67 6.90
CA GLU A 145 23.70 28.65 6.57
C GLU A 145 24.70 28.94 7.72
N ASP A 146 24.21 29.34 8.89
CA ASP A 146 25.15 29.81 9.89
C ASP A 146 25.79 28.63 10.61
N LYS A 147 27.01 28.86 11.08
CA LYS A 147 27.81 27.78 11.67
C LYS A 147 27.09 27.15 12.87
N HIS A 148 26.44 27.95 13.72
CA HIS A 148 25.81 27.36 14.91
C HIS A 148 24.69 26.40 14.51
N THR A 149 23.84 26.81 13.57
CA THR A 149 22.77 25.90 13.11
C THR A 149 23.33 24.63 12.50
N ARG A 150 24.39 24.74 11.70
CA ARG A 150 25.00 23.57 11.09
C ARG A 150 25.52 22.58 12.13
N LEU A 151 26.20 23.11 13.14
CA LEU A 151 26.67 22.28 14.24
C LEU A 151 25.53 21.68 15.03
N ALA A 152 24.48 22.47 15.36
CA ALA A 152 23.36 21.88 16.10
C ALA A 152 22.60 20.83 15.28
N SER A 153 22.53 21.01 13.95
CA SER A 153 21.94 19.97 13.09
C SER A 153 22.77 18.70 13.12
N ALA A 154 24.11 18.85 13.00
CA ALA A 154 25.02 17.71 13.06
C ALA A 154 24.86 16.99 14.39
N PHE A 155 24.69 17.76 15.46
CA PHE A 155 24.54 17.16 16.78
C PHE A 155 23.31 16.27 16.85
N ARG A 156 22.16 16.82 16.43
CA ARG A 156 20.89 16.10 16.49
C ARG A 156 20.92 14.88 15.58
N ILE A 157 21.48 15.01 14.37
CA ILE A 157 21.53 13.83 13.47
C ILE A 157 22.48 12.76 14.02
N GLY A 158 23.62 13.19 14.61
CA GLY A 158 24.50 12.25 15.32
C GLY A 158 23.74 11.48 16.39
N TRP A 159 22.95 12.20 17.20
CA TRP A 159 22.11 11.50 18.18
C TRP A 159 21.16 10.49 17.49
N ALA A 160 20.51 10.90 16.38
CA ALA A 160 19.57 10.02 15.68
C ALA A 160 20.28 8.77 15.19
N ILE A 161 21.52 8.95 14.69
CA ILE A 161 22.29 7.81 14.16
C ILE A 161 22.60 6.82 15.28
N ARG A 162 23.13 7.32 16.41
CA ARG A 162 23.43 6.50 17.56
C ARG A 162 22.20 5.79 18.04
N THR A 163 21.08 6.50 18.08
CA THR A 163 19.84 5.95 18.58
C THR A 163 19.35 4.79 17.70
N ALA A 164 19.45 4.97 16.37
CA ALA A 164 19.06 3.91 15.42
C ALA A 164 19.99 2.71 15.54
N LEU A 165 21.30 2.95 15.63
CA LEU A 165 22.21 1.81 15.80
C LEU A 165 21.89 1.04 17.10
N ASP A 166 21.60 1.77 18.17
CA ASP A 166 21.32 1.11 19.45
C ASP A 166 20.03 0.30 19.40
N LEU A 167 19.04 0.75 18.58
CA LEU A 167 17.78 0.02 18.39
C LEU A 167 17.96 -1.26 17.59
N GLY A 168 19.10 -1.41 16.93
CA GLY A 168 19.35 -2.58 16.12
C GLY A 168 19.30 -2.33 14.63
N PHE A 169 19.28 -1.07 14.17
CA PHE A 169 19.50 -0.82 12.75
C PHE A 169 20.94 -1.19 12.40
N GLU A 170 21.13 -1.87 11.27
CA GLU A 170 22.41 -2.42 10.85
C GLU A 170 23.10 -1.55 9.81
N ARG A 171 22.43 -0.49 9.35
CA ARG A 171 23.01 0.37 8.34
C ARG A 171 22.30 1.72 8.47
N VAL A 172 23.04 2.81 8.57
CA VAL A 172 22.42 4.13 8.71
C VAL A 172 23.03 5.04 7.67
N TYR A 173 22.20 5.64 6.82
CA TYR A 173 22.64 6.71 5.94
C TYR A 173 22.30 8.08 6.55
N PHE A 174 23.05 9.12 6.15
CA PHE A 174 22.56 10.45 6.46
C PHE A 174 22.83 11.37 5.26
N ASN A 175 21.95 12.37 5.12
CA ASN A 175 21.95 13.28 3.96
C ASN A 175 21.50 14.63 4.52
N ILE A 176 22.46 15.45 4.96
CA ILE A 176 22.16 16.61 5.78
C ILE A 176 22.92 17.81 5.24
N GLY A 177 23.42 17.70 3.99
CA GLY A 177 24.14 18.81 3.37
C GLY A 177 25.64 18.59 3.35
N SER A 178 26.36 19.54 2.73
CA SER A 178 27.81 19.57 2.78
C SER A 178 28.26 19.58 4.25
N MET A 179 29.49 19.11 4.49
CA MET A 179 29.97 19.03 5.86
C MET A 179 31.42 19.48 5.90
N GLU A 180 31.70 20.42 6.80
CA GLU A 180 33.05 20.85 7.09
C GLU A 180 33.62 20.02 8.23
N GLN A 181 34.93 20.17 8.46
CA GLN A 181 35.63 19.31 9.41
C GLN A 181 35.01 19.37 10.80
N ASP A 182 34.64 20.55 11.28
CA ASP A 182 34.16 20.64 12.66
C ASP A 182 32.75 20.09 12.82
N GLU A 183 31.95 20.17 11.76
CA GLU A 183 30.62 19.56 11.75
C GLU A 183 30.70 18.03 11.75
N ILE A 184 31.64 17.46 10.97
CA ILE A 184 31.91 16.03 11.04
C ILE A 184 32.39 15.67 12.46
N ASP A 185 33.20 16.53 13.08
CA ASP A 185 33.62 16.24 14.46
C ASP A 185 32.42 16.05 15.37
N VAL A 186 31.45 16.98 15.29
CA VAL A 186 30.27 16.91 16.15
C VAL A 186 29.45 15.65 15.87
N LEU A 187 29.15 15.38 14.61
CA LEU A 187 28.41 14.16 14.27
C LEU A 187 29.20 12.93 14.71
N GLY A 188 30.53 12.97 14.57
CA GLY A 188 31.36 11.79 14.81
C GLY A 188 31.47 11.36 16.25
N GLU A 189 31.22 12.25 17.20
CA GLU A 189 31.26 11.89 18.61
C GLU A 189 30.15 10.93 18.99
N TRP A 190 29.19 10.72 18.08
CA TRP A 190 28.08 9.80 18.27
C TRP A 190 28.36 8.39 17.81
N ILE A 191 29.42 8.18 17.04
CA ILE A 191 29.62 6.91 16.34
C ILE A 191 31.08 6.49 16.43
N GLY A 192 31.35 5.28 16.01
CA GLY A 192 32.72 4.82 15.94
C GLY A 192 33.19 4.79 14.49
N ARG A 193 34.51 4.83 14.25
CA ARG A 193 35.02 4.91 12.89
C ARG A 193 34.62 3.72 12.03
N GLU A 194 34.32 2.56 12.64
CA GLU A 194 33.91 1.41 11.84
C GLU A 194 32.40 1.14 11.90
N ASP A 195 31.61 2.05 12.44
CA ASP A 195 30.16 1.87 12.41
C ASP A 195 29.60 1.89 10.98
N PRO A 196 28.48 1.20 10.74
CA PRO A 196 27.94 1.13 9.37
C PRO A 196 27.14 2.38 9.04
N VAL A 197 27.87 3.49 8.82
CA VAL A 197 27.27 4.80 8.64
C VAL A 197 27.78 5.39 7.33
N THR A 198 26.86 5.75 6.46
CA THR A 198 27.14 6.27 5.11
C THR A 198 26.78 7.75 4.98
N MET A 199 27.77 8.56 4.59
CA MET A 199 27.52 9.95 4.28
C MET A 199 27.00 10.10 2.84
N CYS A 200 25.86 10.75 2.70
CA CYS A 200 25.28 11.06 1.38
C CYS A 200 25.40 12.55 1.12
N VAL A 201 25.98 12.93 -0.02
CA VAL A 201 26.04 14.31 -0.49
C VAL A 201 25.98 14.27 -2.02
N PHE A 202 24.80 14.44 -2.60
CA PHE A 202 24.64 14.31 -4.06
C PHE A 202 25.05 15.63 -4.67
N GLN A 203 26.08 15.62 -5.52
CA GLN A 203 26.47 16.89 -6.14
C GLN A 203 25.34 17.52 -6.96
N GLU A 204 24.34 16.69 -7.39
CA GLU A 204 23.19 17.07 -8.21
C GLU A 204 23.61 17.26 -9.67
N SER A 205 24.48 18.21 -9.96
CA SER A 205 25.12 18.28 -11.28
C SER A 205 26.60 18.57 -11.04
N TYR A 206 27.45 17.90 -11.78
CA TYR A 206 28.87 18.24 -11.70
C TYR A 206 29.26 19.35 -12.66
N ASP A 207 28.30 19.89 -13.39
CA ASP A 207 28.53 21.03 -14.27
C ASP A 207 28.31 22.32 -13.47
N ARG A 208 29.36 23.13 -13.33
CA ARG A 208 29.24 24.29 -12.44
C ARG A 208 28.15 25.25 -12.92
N GLU A 209 27.93 25.35 -14.23
CA GLU A 209 26.95 26.32 -14.70
C GLU A 209 25.53 25.84 -14.43
N THR A 210 25.23 24.56 -14.71
CA THR A 210 23.92 24.03 -14.34
C THR A 210 23.74 24.03 -12.84
N TYR A 211 24.78 23.68 -12.10
CA TYR A 211 24.68 23.74 -10.65
C TYR A 211 24.28 25.16 -10.19
N ARG A 212 24.96 26.19 -10.69
CA ARG A 212 24.62 27.55 -10.29
C ARG A 212 23.17 27.88 -10.66
N ARG A 213 22.70 27.40 -11.82
CA ARG A 213 21.34 27.72 -12.24
C ARG A 213 20.31 27.24 -11.24
N PHE A 214 20.54 26.06 -10.64
CA PHE A 214 19.56 25.47 -9.73
C PHE A 214 19.90 25.73 -8.26
N MET A 215 21.17 25.76 -7.90
CA MET A 215 21.49 25.86 -6.46
C MET A 215 21.75 27.30 -6.03
N GLY A 216 21.83 28.23 -6.98
CA GLY A 216 21.99 29.65 -6.66
C GLY A 216 23.43 30.11 -6.71
N LYS A 217 23.60 31.42 -6.47
CA LYS A 217 24.91 32.01 -6.53
C LYS A 217 25.51 32.07 -5.14
N THR A 218 26.83 32.11 -5.10
CA THR A 218 27.58 32.06 -3.87
C THR A 218 27.65 33.45 -3.21
N SER A 219 28.09 33.46 -1.95
CA SER A 219 28.40 34.67 -1.19
C SER A 219 27.16 35.45 -0.78
N VAL A 220 26.01 34.77 -0.65
CA VAL A 220 24.76 35.46 -0.36
C VAL A 220 23.93 34.73 0.68
N GLY A 221 24.56 33.93 1.54
CA GLY A 221 23.75 33.20 2.50
C GLY A 221 22.98 31.98 1.98
N VAL A 222 23.34 31.44 0.82
CA VAL A 222 22.70 30.23 0.30
C VAL A 222 23.70 29.09 0.40
N PRO A 223 23.65 28.25 1.46
CA PRO A 223 24.78 27.34 1.74
C PRO A 223 25.14 26.35 0.64
N LYS A 224 24.17 25.72 -0.03
CA LYS A 224 24.50 24.75 -1.08
C LYS A 224 24.99 25.42 -2.37
N ALA A 225 25.02 26.76 -2.46
CA ALA A 225 25.59 27.36 -3.68
C ALA A 225 27.10 27.18 -3.75
N ASP A 226 27.76 26.89 -2.64
CA ASP A 226 29.20 26.61 -2.66
C ASP A 226 29.46 25.19 -3.18
N PHE A 227 29.77 25.10 -4.47
CA PHE A 227 29.99 23.82 -5.16
C PHE A 227 31.18 23.08 -4.57
N ASP A 228 32.23 23.83 -4.20
CA ASP A 228 33.49 23.24 -3.78
C ASP A 228 33.39 22.67 -2.39
N ARG A 229 32.84 23.43 -1.47
CA ARG A 229 32.55 22.86 -0.16
C ARG A 229 31.78 21.56 -0.28
N ARG A 230 30.75 21.55 -1.13
CA ARG A 230 29.95 20.33 -1.26
C ARG A 230 30.80 19.16 -1.77
N VAL A 231 31.54 19.37 -2.87
CA VAL A 231 32.10 18.24 -3.59
C VAL A 231 33.24 17.56 -2.81
N VAL A 232 33.87 18.26 -1.87
CA VAL A 232 34.98 17.68 -1.09
C VAL A 232 34.51 17.20 0.28
N SER A 233 33.20 17.22 0.53
CA SER A 233 32.67 16.67 1.78
C SER A 233 33.12 15.23 2.01
N PHE A 234 33.10 14.37 0.95
CA PHE A 234 33.53 12.99 1.16
C PHE A 234 35.01 12.93 1.52
N ASP A 235 35.81 13.85 0.98
CA ASP A 235 37.23 13.82 1.30
C ASP A 235 37.45 14.17 2.75
N ARG A 236 36.61 15.06 3.30
CA ARG A 236 36.72 15.38 4.72
C ARG A 236 36.30 14.18 5.57
N TRP A 237 35.29 13.45 5.10
CA TRP A 237 34.79 12.31 5.84
C TRP A 237 35.82 11.20 5.87
N LEU A 238 36.48 10.95 4.72
CA LEU A 238 37.56 9.97 4.67
C LEU A 238 38.77 10.43 5.49
N ASP A 239 39.11 11.73 5.42
CA ASP A 239 40.18 12.27 6.25
C ASP A 239 39.94 11.96 7.73
N ALA A 240 38.68 12.00 8.16
CA ALA A 240 38.37 11.77 9.57
C ALA A 240 38.40 10.30 9.95
N GLY A 241 38.61 9.43 8.96
CA GLY A 241 38.79 8.02 9.20
C GLY A 241 37.56 7.18 8.91
N TYR A 242 36.53 7.74 8.27
CA TYR A 242 35.33 6.94 7.97
C TYR A 242 35.51 6.24 6.63
N ARG A 243 34.47 5.54 6.16
CA ARG A 243 34.65 4.60 5.06
C ARG A 243 33.55 4.68 4.01
N TYR A 244 32.30 4.83 4.42
CA TYR A 244 31.15 4.68 3.52
C TYR A 244 30.63 6.02 3.03
N VAL A 245 30.42 6.13 1.71
CA VAL A 245 30.03 7.38 1.07
C VAL A 245 29.04 7.10 -0.06
N ASN A 246 28.34 8.15 -0.50
CA ASN A 246 27.26 7.99 -1.48
C ASN A 246 27.16 9.27 -2.28
N PRO A 247 27.97 9.40 -3.34
CA PRO A 247 27.74 10.48 -4.32
C PRO A 247 26.49 10.26 -5.15
N GLY A 248 26.05 11.33 -5.83
CA GLY A 248 24.89 11.22 -6.69
C GLY A 248 24.78 12.36 -7.67
N VAL A 249 24.00 12.10 -8.74
CA VAL A 249 23.61 13.06 -9.76
C VAL A 249 22.10 13.10 -9.75
N LEU A 250 21.53 14.29 -9.86
CA LEU A 250 20.09 14.43 -10.03
C LEU A 250 19.77 14.41 -11.53
N VAL A 251 19.25 13.30 -12.03
CA VAL A 251 19.04 13.17 -13.45
C VAL A 251 17.87 14.07 -13.87
N GLY A 252 18.14 15.00 -14.77
CA GLY A 252 17.15 15.97 -15.21
C GLY A 252 17.57 17.43 -14.96
N LEU A 253 18.59 17.68 -14.13
CA LEU A 253 19.14 19.05 -14.06
C LEU A 253 19.97 19.39 -15.32
N HIS A 254 21.05 18.67 -15.56
CA HIS A 254 21.91 18.97 -16.70
C HIS A 254 21.45 18.22 -17.96
N ASP A 255 21.38 18.92 -19.12
CA ASP A 255 20.83 18.34 -20.35
CA ASP A 255 20.81 18.32 -20.33
C ASP A 255 21.72 17.27 -20.96
N ASP A 256 23.00 17.27 -20.64
CA ASP A 256 23.99 16.43 -21.30
C ASP A 256 24.36 15.29 -20.36
N LEU A 257 23.66 14.17 -20.48
CA LEU A 257 23.90 13.10 -19.50
C LEU A 257 25.29 12.50 -19.62
N SER A 258 25.91 12.57 -20.80
CA SER A 258 27.24 12.01 -20.94
C SER A 258 28.25 12.72 -20.05
N ALA A 259 28.10 14.04 -19.88
CA ALA A 259 28.95 14.80 -18.98
C ALA A 259 28.79 14.35 -17.53
N GLU A 260 27.56 14.13 -17.09
CA GLU A 260 27.31 13.78 -15.69
C GLU A 260 27.80 12.37 -15.38
N LEU A 261 27.62 11.41 -16.30
CA LEU A 261 28.09 10.05 -16.00
C LEU A 261 29.62 9.99 -15.96
N VAL A 262 30.30 10.76 -16.81
CA VAL A 262 31.75 10.87 -16.70
C VAL A 262 32.15 11.40 -15.31
N SER A 263 31.51 12.49 -14.88
CA SER A 263 31.85 13.10 -13.59
C SER A 263 31.55 12.17 -12.41
N LEU A 264 30.37 11.53 -12.41
CA LEU A 264 30.02 10.62 -11.33
C LEU A 264 30.97 9.41 -11.27
N VAL A 265 31.21 8.77 -12.42
CA VAL A 265 32.11 7.63 -12.44
C VAL A 265 33.51 8.06 -11.99
N ALA A 266 33.96 9.25 -12.43
CA ALA A 266 35.25 9.76 -11.97
C ALA A 266 35.26 9.99 -10.46
N HIS A 267 34.15 10.47 -9.91
CA HIS A 267 34.10 10.67 -8.47
C HIS A 267 34.11 9.34 -7.72
N GLY A 268 33.34 8.36 -8.22
CA GLY A 268 33.39 7.04 -7.62
C GLY A 268 34.79 6.45 -7.67
N ASP A 269 35.49 6.64 -8.78
CA ASP A 269 36.82 6.07 -8.95
C ASP A 269 37.81 6.71 -7.96
N HIS A 270 37.71 8.03 -7.80
CA HIS A 270 38.52 8.72 -6.80
C HIS A 270 38.26 8.18 -5.41
N LEU A 271 36.99 8.03 -5.04
CA LEU A 271 36.65 7.54 -3.71
C LEU A 271 37.14 6.12 -3.52
N ARG A 272 37.01 5.28 -4.55
CA ARG A 272 37.56 3.93 -4.48
C ARG A 272 39.07 3.96 -4.23
N SER A 273 39.79 4.87 -4.89
CA SER A 273 41.25 4.91 -4.76
C SER A 273 41.68 5.34 -3.38
N ARG A 274 40.83 6.07 -2.68
CA ARG A 274 41.04 6.42 -1.30
C ARG A 274 40.59 5.32 -0.35
N GLY A 275 40.20 4.15 -0.85
CA GLY A 275 39.76 3.07 0.03
C GLY A 275 38.30 3.13 0.49
N ALA A 276 37.51 4.06 -0.04
CA ALA A 276 36.13 4.16 0.38
C ALA A 276 35.29 3.02 -0.19
N THR A 277 34.17 2.76 0.49
CA THR A 277 33.08 1.97 -0.06
C THR A 277 32.00 2.98 -0.47
N ALA A 278 31.65 3.01 -1.75
CA ALA A 278 30.73 4.00 -2.30
C ALA A 278 29.50 3.34 -2.90
N ASP A 279 28.30 3.82 -2.53
CA ASP A 279 27.07 3.64 -3.31
C ASP A 279 26.97 4.81 -4.29
N LEU A 280 26.24 4.61 -5.37
CA LEU A 280 26.05 5.68 -6.37
C LEU A 280 24.57 5.91 -6.58
N SER A 281 24.13 7.15 -6.42
CA SER A 281 22.71 7.49 -6.57
C SER A 281 22.49 8.29 -7.85
N VAL A 282 21.47 7.91 -8.62
CA VAL A 282 21.09 8.69 -9.80
C VAL A 282 19.58 8.95 -9.79
N PRO A 283 19.09 9.61 -8.75
CA PRO A 283 17.65 9.87 -8.65
C PRO A 283 17.20 10.69 -9.85
N ARG A 284 16.01 10.38 -10.35
CA ARG A 284 15.37 11.12 -11.40
C ARG A 284 14.35 12.08 -10.81
N MET A 285 14.17 13.23 -11.50
CA MET A 285 13.32 14.30 -10.99
C MET A 285 11.87 13.84 -10.76
N ARG A 286 11.27 14.38 -9.71
CA ARG A 286 9.86 14.18 -9.39
C ARG A 286 9.15 15.52 -9.24
N PRO A 287 7.83 15.54 -9.30
CA PRO A 287 7.11 16.80 -9.09
C PRO A 287 7.42 17.45 -7.75
N ALA A 288 7.44 18.78 -7.76
CA ALA A 288 7.76 19.54 -6.55
C ALA A 288 7.26 20.97 -6.76
N MET A 289 7.38 21.79 -5.71
CA MET A 289 7.01 23.19 -5.82
C MET A 289 8.25 23.93 -6.32
N LYS A 290 8.46 23.85 -7.63
CA LYS A 290 9.73 24.30 -8.19
C LYS A 290 9.68 25.78 -8.50
N SER A 291 10.86 26.37 -8.68
CA SER A 291 10.95 27.71 -9.24
C SER A 291 11.69 27.73 -10.58
N ARG A 292 12.04 26.57 -11.10
CA ARG A 292 12.60 26.50 -12.44
C ARG A 292 12.32 25.09 -12.97
N ASP A 293 11.99 25.01 -14.25
CA ASP A 293 11.66 23.73 -14.86
C ASP A 293 12.91 22.87 -15.06
N THR A 294 12.70 21.58 -15.23
CA THR A 294 13.80 20.62 -15.33
C THR A 294 13.63 19.81 -16.60
N THR A 295 14.58 18.91 -16.86
CA THR A 295 14.60 18.18 -18.13
C THR A 295 14.06 16.78 -17.88
N ARG A 296 13.07 16.37 -18.67
CA ARG A 296 12.56 15.02 -18.49
C ARG A 296 13.46 14.06 -19.26
N VAL A 297 13.93 13.03 -18.58
CA VAL A 297 14.84 12.04 -19.13
C VAL A 297 14.02 10.79 -19.31
N GLY A 298 13.95 10.32 -20.55
CA GLY A 298 13.20 9.12 -20.88
C GLY A 298 13.79 7.85 -20.29
N ASP A 299 12.95 6.80 -20.27
CA ASP A 299 13.37 5.56 -19.60
C ASP A 299 14.55 4.90 -20.32
N ASP A 300 14.63 5.03 -21.66
CA ASP A 300 15.75 4.35 -22.32
C ASP A 300 17.07 5.03 -22.00
N ASP A 301 17.12 6.37 -22.06
CA ASP A 301 18.34 7.05 -21.64
C ASP A 301 18.67 6.75 -20.19
N TYR A 302 17.66 6.77 -19.32
CA TYR A 302 17.94 6.55 -17.90
C TYR A 302 18.47 5.14 -17.64
N LEU A 303 17.88 4.13 -18.29
CA LEU A 303 18.40 2.78 -18.14
C LEU A 303 19.80 2.65 -18.72
N ARG A 304 20.06 3.31 -19.86
CA ARG A 304 21.41 3.26 -20.44
C ARG A 304 22.42 3.92 -19.48
N LEU A 305 22.02 5.00 -18.82
CA LEU A 305 22.92 5.64 -17.86
C LEU A 305 23.20 4.72 -16.67
N MET A 306 22.14 4.15 -16.10
CA MET A 306 22.29 3.21 -14.98
C MET A 306 23.18 2.05 -15.37
N SER A 307 23.00 1.52 -16.61
CA SER A 307 23.72 0.34 -17.07
C SER A 307 25.21 0.65 -17.20
N VAL A 308 25.52 1.82 -17.77
CA VAL A 308 26.92 2.15 -17.99
C VAL A 308 27.61 2.40 -16.64
N VAL A 309 26.90 2.99 -15.67
CA VAL A 309 27.53 3.23 -14.39
C VAL A 309 27.70 1.92 -13.65
N ALA A 310 26.65 1.09 -13.64
CA ALA A 310 26.69 -0.18 -12.94
C ALA A 310 27.78 -1.09 -13.49
N PHE A 311 27.97 -1.05 -14.81
CA PHE A 311 28.95 -1.94 -15.45
C PHE A 311 30.37 -1.49 -15.15
N THR A 312 30.64 -0.19 -15.28
CA THR A 312 32.00 0.30 -15.07
C THR A 312 32.38 0.39 -13.61
N CYS A 313 31.39 0.34 -12.71
CA CYS A 313 31.61 0.53 -11.27
C CYS A 313 31.01 -0.66 -10.52
N PRO A 314 31.43 -1.88 -10.86
CA PRO A 314 30.68 -3.07 -10.41
C PRO A 314 30.68 -3.32 -8.91
N GLU A 315 31.57 -2.70 -8.14
CA GLU A 315 31.55 -2.86 -6.70
C GLU A 315 30.88 -1.69 -6.00
N GLN A 316 30.30 -0.75 -6.74
CA GLN A 316 29.65 0.45 -6.19
C GLN A 316 28.16 0.34 -6.51
N ARG A 317 27.34 0.06 -5.48
CA ARG A 317 25.93 -0.27 -5.69
C ARG A 317 25.16 0.97 -6.15
N LEU A 318 24.38 0.84 -7.25
CA LEU A 318 23.42 1.90 -7.57
C LEU A 318 22.27 1.81 -6.57
N VAL A 319 21.70 2.97 -6.23
CA VAL A 319 20.58 3.05 -5.30
C VAL A 319 19.32 3.34 -6.12
N LEU A 320 18.28 2.55 -5.95
CA LEU A 320 17.02 2.76 -6.64
C LEU A 320 15.96 3.04 -5.59
N THR A 321 15.10 4.02 -5.84
CA THR A 321 14.17 4.53 -4.83
C THR A 321 12.75 4.61 -5.38
N THR A 322 11.80 4.83 -4.47
CA THR A 322 10.41 4.95 -4.87
C THR A 322 10.07 6.30 -5.48
N ARG A 323 11.07 7.15 -5.80
CA ARG A 323 10.86 8.13 -6.87
C ARG A 323 10.30 7.42 -8.10
N GLU A 324 10.75 6.17 -8.36
CA GLU A 324 10.29 5.49 -9.56
C GLU A 324 9.04 4.66 -9.30
N PRO A 325 8.19 4.58 -10.30
CA PRO A 325 6.98 3.75 -10.16
C PRO A 325 7.32 2.28 -10.18
N GLN A 326 6.35 1.49 -9.73
CA GLN A 326 6.50 0.05 -9.63
C GLN A 326 6.96 -0.57 -10.96
N GLU A 327 6.38 -0.10 -12.07
CA GLU A 327 6.70 -0.66 -13.39
C GLU A 327 8.14 -0.41 -13.78
N PHE A 328 8.69 0.75 -13.40
CA PHE A 328 10.09 1.00 -13.68
C PHE A 328 11.01 0.22 -12.74
N GLN A 329 10.70 0.18 -11.44
CA GLN A 329 11.46 -0.66 -10.53
C GLN A 329 11.57 -2.10 -11.07
N ASP A 330 10.45 -2.67 -11.53
CA ASP A 330 10.45 -4.03 -12.09
C ASP A 330 11.57 -4.17 -13.12
N VAL A 331 11.70 -3.17 -13.99
CA VAL A 331 12.63 -3.26 -15.11
C VAL A 331 14.07 -3.05 -14.67
N ALA A 332 14.31 -2.12 -13.71
CA ALA A 332 15.64 -1.63 -13.38
C ALA A 332 16.26 -2.30 -12.16
N LEU A 333 15.48 -3.04 -11.37
CA LEU A 333 15.97 -3.50 -10.08
C LEU A 333 17.23 -4.32 -10.23
N GLY A 334 17.35 -5.07 -11.34
CA GLY A 334 18.57 -5.84 -11.56
C GLY A 334 19.85 -5.04 -11.66
N LEU A 335 19.76 -3.74 -11.95
CA LEU A 335 20.93 -2.88 -11.99
C LEU A 335 21.32 -2.30 -10.65
N ALA A 336 20.47 -2.43 -9.64
CA ALA A 336 20.66 -1.79 -8.35
C ALA A 336 21.33 -2.75 -7.36
N GLY A 337 22.05 -2.18 -6.40
CA GLY A 337 22.43 -2.95 -5.23
C GLY A 337 21.83 -2.48 -3.93
N VAL A 338 21.12 -1.34 -3.93
CA VAL A 338 20.39 -0.83 -2.77
C VAL A 338 18.97 -0.51 -3.27
N ILE A 339 17.95 -0.94 -2.52
CA ILE A 339 16.57 -0.57 -2.81
C ILE A 339 16.08 0.24 -1.61
N SER A 340 15.55 1.42 -1.87
CA SER A 340 15.23 2.35 -0.78
C SER A 340 13.80 2.87 -0.97
N PRO A 341 12.82 2.25 -0.32
CA PRO A 341 11.43 2.70 -0.46
C PRO A 341 11.09 3.63 0.68
N GLY A 342 10.17 4.57 0.50
CA GLY A 342 9.85 5.48 1.58
C GLY A 342 9.32 6.78 1.02
N SER A 343 9.09 7.73 1.90
CA SER A 343 8.43 8.96 1.54
C SER A 343 9.26 10.14 2.03
N PRO A 344 9.33 11.23 1.22
CA PRO A 344 10.15 12.39 1.62
C PRO A 344 9.36 13.48 2.32
N ASP A 345 8.47 13.08 3.23
CA ASP A 345 7.68 13.92 4.09
C ASP A 345 8.21 13.73 5.53
N VAL A 346 7.91 14.66 6.42
CA VAL A 346 8.51 14.60 7.77
C VAL A 346 7.71 13.63 8.63
N ALA A 347 8.39 12.71 9.30
CA ALA A 347 7.77 11.73 10.21
C ALA A 347 6.50 11.14 9.56
N PRO A 348 6.62 10.53 8.37
CA PRO A 348 5.41 10.16 7.63
C PRO A 348 4.84 8.80 7.94
N TYR A 349 5.50 8.01 8.77
CA TYR A 349 5.15 6.59 8.88
C TYR A 349 4.18 6.39 10.04
N ARG A 350 3.30 5.41 9.90
CA ARG A 350 2.35 5.13 10.96
C ARG A 350 2.08 3.63 10.89
N ALA A 351 1.97 2.96 12.04
CA ALA A 351 1.76 1.51 11.97
C ALA A 351 0.51 1.15 11.18
N GLY A 352 0.66 0.23 10.22
CA GLY A 352 -0.49 -0.30 9.52
C GLY A 352 -1.07 0.60 8.46
N CYS A 353 -0.51 1.81 8.25
CA CYS A 353 -1.08 2.81 7.37
C CYS A 353 -0.06 3.13 6.29
N GLU A 354 -0.55 3.62 5.16
CA GLU A 354 0.29 4.10 4.08
CA GLU A 354 0.38 4.03 4.13
C GLU A 354 1.05 5.32 4.56
N ALA A 355 2.33 5.46 4.21
CA ALA A 355 3.06 6.67 4.62
C ALA A 355 2.47 7.94 3.95
N ARG A 356 2.47 9.04 4.71
CA ARG A 356 2.10 10.33 4.16
C ARG A 356 3.12 10.83 3.15
N ASN A 357 2.62 11.55 2.14
CA ASN A 357 3.44 12.25 1.14
C ASN A 357 2.67 13.52 0.74
N ASP A 358 2.47 14.35 1.76
CA ASP A 358 1.63 15.55 1.63
C ASP A 358 2.35 16.59 0.80
N GLU A 359 1.68 17.11 -0.22
CA GLU A 359 2.30 18.16 -1.02
C GLU A 359 2.65 19.40 -0.17
N LYS A 360 1.92 19.64 0.92
CA LYS A 360 2.17 20.81 1.76
C LYS A 360 3.45 20.69 2.60
N SER A 361 4.02 19.50 2.75
CA SER A 361 5.18 19.37 3.63
C SER A 361 6.29 18.51 3.06
N SER A 362 6.10 17.88 1.90
CA SER A 362 7.12 16.95 1.41
C SER A 362 8.15 17.67 0.52
N GLN A 363 9.30 17.03 0.35
CA GLN A 363 10.32 17.54 -0.57
C GLN A 363 9.89 17.41 -2.04
N PHE A 364 9.21 16.32 -2.39
CA PHE A 364 8.71 16.09 -3.75
C PHE A 364 7.68 14.98 -3.63
N LEU A 365 7.01 14.65 -4.72
CA LEU A 365 5.98 13.60 -4.69
C LEU A 365 6.56 12.30 -5.25
N VAL A 366 6.44 11.22 -4.50
CA VAL A 366 7.01 9.98 -5.02
C VAL A 366 6.04 9.27 -5.92
N ALA A 367 6.52 8.27 -6.67
CA ALA A 367 5.64 7.55 -7.56
C ALA A 367 5.10 6.27 -6.96
N ASP A 368 5.71 5.75 -5.92
CA ASP A 368 5.25 4.47 -5.37
C ASP A 368 5.04 4.69 -3.88
N LEU A 369 3.80 4.61 -3.43
CA LEU A 369 3.55 4.86 -2.01
C LEU A 369 3.24 3.59 -1.23
N ARG A 370 3.45 2.42 -1.81
CA ARG A 370 3.24 1.17 -1.10
C ARG A 370 4.17 1.03 0.10
N ARG A 371 3.70 0.30 1.14
CA ARG A 371 4.54 0.21 2.34
C ARG A 371 5.86 -0.48 2.03
N PRO A 372 6.95 -0.07 2.69
CA PRO A 372 8.21 -0.74 2.46
C PRO A 372 8.10 -2.25 2.64
N ARG A 373 7.43 -2.75 3.68
CA ARG A 373 7.49 -4.20 3.78
C ARG A 373 6.74 -4.92 2.63
N HIS A 374 5.80 -4.24 1.96
CA HIS A 374 5.13 -4.87 0.84
C HIS A 374 6.06 -4.89 -0.36
N ILE A 375 6.65 -3.72 -0.66
CA ILE A 375 7.59 -3.60 -1.77
C ILE A 375 8.74 -4.63 -1.63
N LEU A 376 9.34 -4.72 -0.43
CA LEU A 376 10.50 -5.60 -0.19
C LEU A 376 10.07 -7.06 -0.10
N GLY A 377 8.89 -7.33 0.47
CA GLY A 377 8.37 -8.70 0.46
C GLY A 377 8.09 -9.21 -0.96
N ARG A 378 7.60 -8.32 -1.85
CA ARG A 378 7.34 -8.76 -3.21
C ARG A 378 8.66 -9.02 -3.94
N ILE A 379 9.70 -8.21 -3.67
CA ILE A 379 11.04 -8.49 -4.24
C ILE A 379 11.54 -9.84 -3.76
N GLU A 380 11.43 -10.12 -2.46
CA GLU A 380 11.85 -11.41 -1.95
C GLU A 380 11.04 -12.56 -2.55
N ALA A 381 9.71 -12.39 -2.70
CA ALA A 381 8.89 -13.45 -3.24
C ALA A 381 9.21 -13.72 -4.69
N SER A 382 9.71 -12.71 -5.42
CA SER A 382 10.08 -12.87 -6.81
C SER A 382 11.46 -13.47 -6.96
N GLY A 383 12.21 -13.62 -5.87
CA GLY A 383 13.41 -14.44 -5.91
C GLY A 383 14.70 -13.68 -5.65
N THR A 384 14.64 -12.46 -5.09
CA THR A 384 15.85 -11.72 -4.69
C THR A 384 15.79 -11.45 -3.19
N PRO A 385 16.64 -12.07 -2.36
CA PRO A 385 16.67 -11.72 -0.93
C PRO A 385 17.07 -10.27 -0.76
N VAL A 386 16.51 -9.59 0.27
CA VAL A 386 16.91 -8.22 0.58
C VAL A 386 17.54 -8.19 1.98
N ASP A 387 18.84 -7.90 2.05
CA ASP A 387 19.52 -7.77 3.35
C ASP A 387 19.03 -6.51 4.05
N HIS A 388 19.01 -6.57 5.40
CA HIS A 388 18.50 -5.52 6.29
C HIS A 388 16.99 -5.40 6.17
N PHE A 389 16.35 -6.49 5.72
CA PHE A 389 14.90 -6.60 5.72
C PHE A 389 14.53 -7.92 6.37
N VAL A 390 13.74 -7.86 7.48
CA VAL A 390 13.23 -9.04 8.20
C VAL A 390 11.73 -8.99 8.03
N ASN A 391 11.21 -9.75 7.10
CA ASN A 391 9.76 -9.67 6.83
C ASN A 391 8.97 -10.04 8.08
N PRO A 392 8.04 -9.16 8.57
CA PRO A 392 7.48 -9.40 9.93
C PRO A 392 6.33 -10.42 9.94
N ALA A 393 6.64 -11.63 9.46
CA ALA A 393 5.66 -12.67 9.16
C ALA A 393 5.93 -13.96 9.94
N GLY A 394 4.86 -14.74 10.13
CA GLY A 394 5.02 -16.10 10.61
C GLY A 394 5.51 -16.07 12.02
N GLU A 395 6.62 -16.77 12.27
CA GLU A 395 7.18 -16.87 13.62
C GLU A 395 8.02 -15.65 14.00
N ALA A 396 8.37 -14.80 13.03
CA ALA A 396 8.84 -13.43 13.24
C ALA A 396 7.68 -12.41 13.28
N SER A 397 6.43 -12.87 13.27
CA SER A 397 5.27 -11.98 13.40
C SER A 397 4.90 -11.82 14.87
N ARG A 398 4.73 -10.57 15.30
CA ARG A 398 4.46 -10.25 16.69
C ARG A 398 3.06 -9.70 16.78
N SER B 10 -1.74 -17.89 4.42
CA SER B 10 -2.40 -18.21 5.69
C SER B 10 -1.97 -17.35 6.89
N HIS B 11 -0.70 -17.49 7.26
CA HIS B 11 -0.19 -16.98 8.54
C HIS B 11 -0.39 -15.45 8.64
N ALA B 12 -0.11 -14.92 9.81
CA ALA B 12 -0.29 -13.49 10.00
C ALA B 12 1.06 -12.78 10.11
N MET B 13 0.95 -11.49 10.35
CA MET B 13 2.02 -10.54 10.26
C MET B 13 1.84 -9.59 11.42
N THR B 14 2.93 -8.97 11.84
CA THR B 14 2.83 -7.92 12.84
C THR B 14 1.82 -6.88 12.37
N GLY B 15 0.91 -6.45 13.25
CA GLY B 15 -0.08 -5.46 12.88
C GLY B 15 -1.37 -6.00 12.30
N ASP B 16 -1.48 -7.31 12.05
CA ASP B 16 -2.74 -7.85 11.56
C ASP B 16 -3.81 -7.82 12.65
N PHE B 17 -5.06 -7.98 12.20
CA PHE B 17 -6.17 -8.12 13.13
C PHE B 17 -5.94 -9.26 14.14
N VAL B 18 -6.28 -8.99 15.42
CA VAL B 18 -6.24 -10.00 16.47
C VAL B 18 -7.63 -10.06 17.09
N LEU B 19 -8.22 -11.25 17.13
CA LEU B 19 -9.57 -11.37 17.69
C LEU B 19 -9.57 -10.93 19.14
N PRO B 20 -10.55 -10.16 19.58
CA PRO B 20 -10.59 -9.77 20.99
C PRO B 20 -10.97 -10.95 21.87
N GLU B 21 -10.56 -10.86 23.13
CA GLU B 21 -10.95 -11.82 24.14
C GLU B 21 -12.28 -11.35 24.72
N LEU B 22 -13.34 -12.15 24.55
CA LEU B 22 -14.67 -11.66 24.93
C LEU B 22 -14.73 -11.33 26.42
N GLU B 23 -14.01 -12.09 27.24
CA GLU B 23 -14.03 -11.82 28.68
C GLU B 23 -13.42 -10.46 29.00
N ASP B 24 -12.36 -10.07 28.29
CA ASP B 24 -11.79 -8.73 28.46
C ASP B 24 -12.74 -7.66 27.96
N VAL B 25 -13.39 -7.89 26.82
CA VAL B 25 -14.36 -6.92 26.34
C VAL B 25 -15.53 -6.80 27.33
N ARG B 26 -15.99 -7.93 27.88
CA ARG B 26 -17.06 -7.88 28.88
C ARG B 26 -16.68 -6.99 30.08
N ALA B 27 -15.46 -7.13 30.58
CA ALA B 27 -15.04 -6.30 31.71
C ALA B 27 -15.02 -4.82 31.33
N GLU B 28 -14.57 -4.49 30.10
CA GLU B 28 -14.60 -3.08 29.71
C GLU B 28 -16.04 -2.58 29.52
N ALA B 29 -16.90 -3.42 28.92
CA ALA B 29 -18.29 -3.03 28.70
C ALA B 29 -18.98 -2.67 30.02
N ALA B 30 -18.64 -3.36 31.12
CA ALA B 30 -19.20 -3.05 32.42
C ALA B 30 -18.85 -1.65 32.92
N THR B 31 -17.81 -1.02 32.38
CA THR B 31 -17.50 0.36 32.78
C THR B 31 -18.21 1.41 31.93
N VAL B 32 -18.93 1.01 30.90
CA VAL B 32 -19.52 1.96 29.97
C VAL B 32 -20.79 2.54 30.57
N ASP B 33 -20.91 3.86 30.52
CA ASP B 33 -22.16 4.57 30.86
C ASP B 33 -23.00 4.62 29.59
N THR B 34 -23.92 3.66 29.41
CA THR B 34 -24.62 3.58 28.12
C THR B 34 -25.45 4.82 27.84
N ARG B 35 -26.07 5.41 28.87
CA ARG B 35 -26.86 6.61 28.63
C ARG B 35 -25.99 7.75 28.13
N ALA B 36 -24.78 7.87 28.66
CA ALA B 36 -23.91 8.94 28.20
C ALA B 36 -23.43 8.67 26.79
N VAL B 37 -23.23 7.40 26.45
CA VAL B 37 -22.93 7.03 25.07
C VAL B 37 -24.03 7.53 24.14
N LEU B 38 -25.27 7.26 24.50
CA LEU B 38 -26.37 7.67 23.64
C LEU B 38 -26.48 9.19 23.54
N ALA B 39 -25.98 9.94 24.53
CA ALA B 39 -25.99 11.40 24.48
C ALA B 39 -24.83 11.99 23.69
N LEU B 40 -23.86 11.21 23.26
CA LEU B 40 -22.74 11.77 22.51
C LEU B 40 -23.23 12.46 21.25
N ALA B 41 -22.58 13.58 20.89
CA ALA B 41 -22.93 14.28 19.66
C ALA B 41 -22.48 13.46 18.45
N GLU B 42 -22.85 13.93 17.26
CA GLU B 42 -22.38 13.25 16.06
C GLU B 42 -20.86 13.45 15.93
N GLY B 43 -20.19 12.42 15.40
CA GLY B 43 -18.75 12.43 15.24
C GLY B 43 -17.97 12.33 16.52
N GLU B 44 -18.64 12.39 17.66
CA GLU B 44 -18.02 12.31 18.98
C GLU B 44 -17.87 10.85 19.43
N GLU B 45 -16.72 10.52 19.96
CA GLU B 45 -16.39 9.13 20.19
C GLU B 45 -16.42 8.81 21.69
N PRO B 46 -16.93 7.65 22.10
CA PRO B 46 -16.94 7.31 23.53
C PRO B 46 -15.53 7.06 24.04
N ALA B 47 -15.43 6.99 25.36
CA ALA B 47 -14.13 6.80 26.01
C ALA B 47 -13.62 5.36 25.91
N GLU B 48 -14.51 4.38 25.84
CA GLU B 48 -14.10 2.98 25.84
C GLU B 48 -14.01 2.45 24.40
N SER B 49 -13.47 1.24 24.25
CA SER B 49 -13.32 0.70 22.90
C SER B 49 -14.69 0.53 22.23
N ARG B 50 -14.72 0.66 20.90
CA ARG B 50 -15.98 0.44 20.17
C ARG B 50 -16.61 -0.91 20.51
N ALA B 51 -15.80 -1.97 20.56
CA ALA B 51 -16.38 -3.29 20.80
C ALA B 51 -17.03 -3.35 22.19
N ALA B 52 -16.41 -2.75 23.20
CA ALA B 52 -16.97 -2.71 24.55
C ALA B 52 -18.25 -1.88 24.58
N VAL B 53 -18.28 -0.76 23.85
CA VAL B 53 -19.49 0.07 23.80
C VAL B 53 -20.62 -0.71 23.13
N ALA B 54 -20.32 -1.40 22.02
CA ALA B 54 -21.36 -2.16 21.33
C ALA B 54 -21.92 -3.23 22.24
N LEU B 55 -21.05 -3.93 22.96
CA LEU B 55 -21.54 -4.98 23.85
C LEU B 55 -22.38 -4.37 24.97
N ALA B 56 -21.95 -3.21 25.48
CA ALA B 56 -22.69 -2.59 26.59
C ALA B 56 -24.09 -2.17 26.15
N LEU B 57 -24.21 -1.57 24.95
CA LEU B 57 -25.52 -1.17 24.38
C LEU B 57 -26.38 -2.40 24.10
N TRP B 58 -25.77 -3.43 23.49
CA TRP B 58 -26.48 -4.67 23.19
C TRP B 58 -27.08 -5.27 24.46
N GLU B 59 -26.30 -5.36 25.52
CA GLU B 59 -26.76 -6.05 26.72
C GLU B 59 -27.59 -5.21 27.66
N ASP B 60 -27.59 -3.89 27.50
CA ASP B 60 -28.36 -3.05 28.44
C ASP B 60 -29.80 -3.04 27.98
N ARG B 61 -30.56 -3.95 28.55
CA ARG B 61 -31.94 -4.11 28.17
C ARG B 61 -32.84 -3.02 28.76
N SER B 62 -32.33 -2.17 29.65
CA SER B 62 -33.12 -0.96 29.93
C SER B 62 -33.17 0.00 28.74
N ILE B 63 -32.31 -0.15 27.73
CA ILE B 63 -32.36 0.66 26.50
C ILE B 63 -33.11 -0.16 25.45
N GLY B 64 -34.28 0.30 25.04
CA GLY B 64 -35.10 -0.46 24.11
C GLY B 64 -34.49 -0.50 22.71
N THR B 65 -34.88 -1.52 21.93
CA THR B 65 -34.37 -1.62 20.57
C THR B 65 -34.85 -0.43 19.71
N ALA B 66 -36.09 0.04 19.95
CA ALA B 66 -36.57 1.16 19.15
C ALA B 66 -35.78 2.43 19.45
N GLU B 67 -35.34 2.59 20.70
CA GLU B 67 -34.44 3.66 21.11
C GLU B 67 -33.08 3.56 20.42
N LEU B 68 -32.53 2.34 20.37
CA LEU B 68 -31.25 2.16 19.72
C LEU B 68 -31.38 2.46 18.23
N GLN B 69 -32.47 2.01 17.65
CA GLN B 69 -32.67 2.23 16.22
C GLN B 69 -32.81 3.70 15.91
N ALA B 70 -33.57 4.46 16.72
CA ALA B 70 -33.64 5.89 16.42
C ALA B 70 -32.28 6.57 16.62
N ALA B 71 -31.50 6.11 17.59
CA ALA B 71 -30.19 6.75 17.79
C ALA B 71 -29.26 6.48 16.63
N ALA B 72 -29.27 5.24 16.14
CA ALA B 72 -28.42 4.89 15.02
C ALA B 72 -28.87 5.59 13.76
N GLU B 73 -30.19 5.67 13.51
CA GLU B 73 -30.63 6.33 12.30
C GLU B 73 -30.25 7.80 12.29
N ALA B 74 -30.40 8.45 13.45
CA ALA B 74 -29.95 9.83 13.59
C ALA B 74 -28.44 9.91 13.38
N ARG B 75 -27.67 9.25 14.29
CA ARG B 75 -26.20 9.30 14.34
C ARG B 75 -25.57 8.93 13.01
N CYS B 76 -26.31 8.23 12.13
N CYS B 76 -26.34 8.38 12.09
CA CYS B 76 -25.87 7.73 10.84
CA CYS B 76 -25.89 8.09 10.74
C CYS B 76 -26.82 8.16 9.71
C CYS B 76 -26.58 8.90 9.65
N GLY B 77 -27.38 9.37 9.80
N GLY B 77 -27.73 9.51 9.92
CA GLY B 77 -28.28 9.90 8.77
CA GLY B 77 -28.51 10.11 8.84
C GLY B 77 -27.78 11.21 8.12
C GLY B 77 -27.85 11.31 8.16
N ALA B 78 -26.75 11.79 8.72
CA ALA B 78 -26.01 12.90 8.16
C ALA B 78 -25.03 12.45 7.09
N ARG B 79 -24.85 11.15 6.92
CA ARG B 79 -23.86 10.62 5.99
C ARG B 79 -24.27 10.97 4.55
N ARG B 80 -23.29 11.27 3.69
CA ARG B 80 -23.55 11.61 2.30
C ARG B 80 -22.65 10.78 1.40
N PRO B 81 -23.20 10.07 0.41
CA PRO B 81 -24.64 9.93 0.15
C PRO B 81 -25.32 9.11 1.26
N ARG B 82 -26.63 9.28 1.47
CA ARG B 82 -27.30 8.42 2.43
C ARG B 82 -27.24 6.96 2.02
N LEU B 83 -27.30 6.66 0.72
CA LEU B 83 -27.28 5.25 0.27
C LEU B 83 -26.58 5.17 -1.06
N HIS B 84 -25.84 4.10 -1.30
CA HIS B 84 -25.40 3.76 -2.64
C HIS B 84 -25.73 2.28 -2.87
N THR B 85 -25.69 1.83 -4.11
CA THR B 85 -26.17 0.50 -4.45
C THR B 85 -25.14 -0.26 -5.25
N PHE B 86 -25.14 -1.57 -5.07
CA PHE B 86 -24.52 -2.45 -6.07
C PHE B 86 -25.34 -3.72 -6.18
N VAL B 87 -25.23 -4.39 -7.34
CA VAL B 87 -26.00 -5.61 -7.62
C VAL B 87 -25.03 -6.78 -7.72
N PRO B 88 -25.26 -7.88 -7.05
CA PRO B 88 -24.32 -8.98 -7.13
C PRO B 88 -24.47 -9.74 -8.44
N LEU B 89 -23.31 -10.13 -8.98
CA LEU B 89 -23.27 -10.97 -10.17
C LEU B 89 -22.42 -12.21 -9.85
N TYR B 90 -23.08 -13.33 -9.67
CA TYR B 90 -22.37 -14.62 -9.47
C TYR B 90 -21.83 -15.07 -10.82
N THR B 91 -20.52 -15.22 -10.93
CA THR B 91 -19.86 -15.52 -12.22
C THR B 91 -19.68 -17.02 -12.44
N THR B 92 -19.89 -17.81 -11.39
CA THR B 92 -19.88 -19.26 -11.47
C THR B 92 -20.51 -19.73 -10.17
N ASN B 93 -20.92 -20.99 -10.14
CA ASN B 93 -21.32 -21.60 -8.85
C ASN B 93 -20.48 -22.85 -8.56
N TYR B 94 -19.36 -23.05 -9.27
CA TYR B 94 -18.43 -24.08 -8.85
C TYR B 94 -17.76 -23.65 -7.56
N CYS B 95 -17.49 -24.62 -6.70
CA CYS B 95 -16.77 -24.30 -5.47
C CYS B 95 -16.07 -25.55 -4.96
N ASP B 96 -14.86 -25.40 -4.42
CA ASP B 96 -14.15 -26.54 -3.81
C ASP B 96 -14.38 -26.65 -2.31
N SER B 97 -15.02 -25.65 -1.69
CA SER B 97 -15.26 -25.73 -0.23
C SER B 97 -16.59 -26.43 0.08
N GLU B 98 -16.94 -26.49 1.40
CA GLU B 98 -18.03 -27.38 1.84
C GLU B 98 -18.90 -26.75 2.91
N CYS B 99 -19.11 -25.43 2.85
CA CYS B 99 -19.91 -24.74 3.90
C CYS B 99 -21.30 -25.34 4.00
N LYS B 100 -21.64 -25.80 5.19
CA LYS B 100 -22.84 -26.61 5.35
C LYS B 100 -24.15 -25.83 5.22
N MET B 101 -24.11 -24.49 5.21
CA MET B 101 -25.31 -23.68 5.06
C MET B 101 -25.55 -23.24 3.61
N CYS B 102 -24.66 -23.63 2.68
CA CYS B 102 -24.60 -23.03 1.34
C CYS B 102 -24.90 -24.08 0.26
N SER B 103 -25.74 -23.74 -0.71
CA SER B 103 -26.06 -24.70 -1.79
C SER B 103 -24.86 -24.95 -2.72
N MET B 104 -23.90 -24.03 -2.77
CA MET B 104 -22.73 -24.22 -3.67
C MET B 104 -21.67 -25.18 -3.11
N ARG B 105 -21.78 -25.59 -1.85
CA ARG B 105 -20.84 -26.56 -1.30
C ARG B 105 -20.53 -27.69 -2.29
N LYS B 106 -19.26 -28.08 -2.35
CA LYS B 106 -18.84 -29.04 -3.40
C LYS B 106 -19.61 -30.37 -3.30
N GLY B 107 -19.93 -30.79 -2.09
CA GLY B 107 -20.61 -32.09 -1.98
C GLY B 107 -22.10 -32.05 -2.29
N ASN B 108 -22.66 -30.90 -2.68
CA ASN B 108 -24.06 -30.84 -3.14
C ASN B 108 -24.14 -31.27 -4.61
N HIS B 109 -24.35 -32.55 -4.84
CA HIS B 109 -24.34 -33.04 -6.22
C HIS B 109 -25.65 -32.73 -6.94
N ARG B 110 -26.64 -32.18 -6.24
CA ARG B 110 -27.89 -31.76 -6.85
C ARG B 110 -27.74 -30.47 -7.64
N LEU B 111 -26.69 -29.68 -7.40
CA LEU B 111 -26.57 -28.37 -8.05
C LEU B 111 -26.17 -28.53 -9.50
N ASP B 112 -26.78 -27.74 -10.36
CA ASP B 112 -26.38 -27.65 -11.77
CA ASP B 112 -26.40 -27.65 -11.77
C ASP B 112 -25.28 -26.61 -11.87
N ARG B 113 -24.03 -27.05 -12.18
CA ARG B 113 -22.89 -26.16 -12.09
C ARG B 113 -22.77 -25.36 -13.39
N LYS B 114 -22.44 -24.08 -13.25
CA LYS B 114 -22.50 -23.08 -14.33
C LYS B 114 -21.24 -22.21 -14.23
N PHE B 115 -20.81 -21.68 -15.37
CA PHE B 115 -19.63 -20.83 -15.44
C PHE B 115 -19.83 -19.82 -16.56
N SER B 116 -19.64 -18.56 -16.25
CA SER B 116 -19.83 -17.49 -17.22
C SER B 116 -18.49 -17.13 -17.82
N GLY B 117 -18.41 -17.16 -19.14
CA GLY B 117 -17.23 -16.64 -19.82
C GLY B 117 -17.34 -15.15 -20.16
N ARG B 118 -16.45 -14.73 -21.04
CA ARG B 118 -16.33 -13.33 -21.42
C ARG B 118 -17.66 -12.79 -21.91
N LYS B 119 -18.33 -13.59 -22.78
CA LYS B 119 -19.56 -13.11 -23.41
C LYS B 119 -20.67 -12.96 -22.41
N GLU B 120 -20.83 -13.95 -21.55
CA GLU B 120 -21.95 -13.86 -20.63
C GLU B 120 -21.72 -12.79 -19.55
N ILE B 121 -20.50 -12.67 -19.03
CA ILE B 121 -20.26 -11.62 -18.02
C ILE B 121 -20.53 -10.25 -18.63
N THR B 122 -20.08 -10.06 -19.86
CA THR B 122 -20.28 -8.76 -20.49
C THR B 122 -21.76 -8.48 -20.70
N GLU B 123 -22.50 -9.47 -21.21
CA GLU B 123 -23.94 -9.31 -21.43
C GLU B 123 -24.67 -8.97 -20.14
N GLN B 124 -24.36 -9.68 -19.05
CA GLN B 124 -24.98 -9.37 -17.74
C GLN B 124 -24.64 -7.95 -17.30
N LEU B 125 -23.37 -7.52 -17.45
CA LEU B 125 -23.03 -6.16 -17.05
C LEU B 125 -23.83 -5.15 -17.84
N GLU B 126 -24.04 -5.43 -19.16
CA GLU B 126 -24.79 -4.50 -19.99
C GLU B 126 -26.25 -4.48 -19.58
N ILE B 127 -26.80 -5.64 -19.19
CA ILE B 127 -28.20 -5.64 -18.73
C ILE B 127 -28.31 -4.82 -17.44
N LEU B 128 -27.40 -5.08 -16.50
CA LEU B 128 -27.45 -4.31 -15.23
C LEU B 128 -27.31 -2.81 -15.50
N TYR B 129 -26.39 -2.41 -16.40
CA TYR B 129 -26.14 -0.99 -16.66
C TYR B 129 -27.35 -0.32 -17.32
N HIS B 130 -27.84 -0.91 -18.41
CA HIS B 130 -28.88 -0.25 -19.20
C HIS B 130 -30.29 -0.59 -18.75
N HIS B 131 -30.53 -1.87 -18.38
CA HIS B 131 -31.92 -2.20 -18.06
C HIS B 131 -32.24 -2.06 -16.58
N GLU B 132 -31.26 -2.19 -15.72
CA GLU B 132 -31.55 -1.91 -14.31
C GLU B 132 -31.07 -0.54 -13.86
N GLY B 133 -30.19 0.11 -14.64
CA GLY B 133 -29.74 1.46 -14.30
C GLY B 133 -28.72 1.54 -13.18
N VAL B 134 -28.04 0.42 -12.86
CA VAL B 134 -27.13 0.46 -11.71
C VAL B 134 -25.72 0.73 -12.17
N ARG B 135 -24.94 1.32 -11.27
CA ARG B 135 -23.53 1.62 -11.55
C ARG B 135 -22.65 1.05 -10.46
N GLY B 136 -23.16 0.06 -9.72
CA GLY B 136 -22.36 -0.68 -8.77
C GLY B 136 -22.63 -2.14 -9.08
N VAL B 137 -21.57 -2.96 -9.06
CA VAL B 137 -21.73 -4.38 -9.27
C VAL B 137 -20.76 -5.11 -8.37
N GLY B 138 -21.14 -6.34 -7.98
CA GLY B 138 -20.24 -7.22 -7.24
C GLY B 138 -20.04 -8.53 -8.00
N PHE B 139 -18.79 -9.02 -8.01
CA PHE B 139 -18.55 -10.32 -8.63
C PHE B 139 -18.29 -11.35 -7.57
N LEU B 140 -18.88 -12.52 -7.76
CA LEU B 140 -18.71 -13.61 -6.77
C LEU B 140 -18.33 -14.91 -7.44
N THR B 141 -17.57 -15.71 -6.69
CA THR B 141 -17.19 -17.06 -7.12
C THR B 141 -17.28 -17.99 -5.94
N GLY B 142 -16.98 -19.27 -6.21
CA GLY B 142 -16.69 -20.19 -5.12
C GLY B 142 -15.29 -19.85 -4.53
N GLU B 143 -14.86 -20.66 -3.58
CA GLU B 143 -13.46 -20.61 -3.18
C GLU B 143 -12.75 -21.90 -3.58
N TYR B 144 -11.53 -21.80 -4.11
CA TYR B 144 -10.90 -22.97 -4.72
C TYR B 144 -9.70 -23.43 -3.92
N GLU B 145 -9.38 -24.72 -4.04
CA GLU B 145 -8.35 -25.30 -3.18
C GLU B 145 -6.92 -25.14 -3.74
N ASP B 146 -6.69 -25.56 -4.98
CA ASP B 146 -5.30 -25.63 -5.44
CA ASP B 146 -5.34 -25.64 -5.56
C ASP B 146 -4.83 -24.26 -5.94
N LYS B 147 -3.51 -24.03 -5.80
CA LYS B 147 -2.95 -22.69 -6.07
C LYS B 147 -3.23 -22.20 -7.50
N HIS B 148 -3.03 -23.07 -8.48
CA HIS B 148 -3.25 -22.63 -9.87
C HIS B 148 -4.71 -22.19 -10.07
N THR B 149 -5.67 -22.95 -9.54
CA THR B 149 -7.07 -22.57 -9.69
C THR B 149 -7.35 -21.24 -9.02
N ARG B 150 -6.81 -21.03 -7.81
CA ARG B 150 -7.01 -19.75 -7.14
C ARG B 150 -6.47 -18.58 -7.95
N LEU B 151 -5.27 -18.76 -8.55
CA LEU B 151 -4.67 -17.71 -9.38
C LEU B 151 -5.50 -17.48 -10.65
N ALA B 152 -5.97 -18.55 -11.28
CA ALA B 152 -6.77 -18.35 -12.50
C ALA B 152 -8.10 -17.74 -12.20
N SER B 153 -8.69 -18.06 -11.03
CA SER B 153 -9.90 -17.36 -10.61
C SER B 153 -9.63 -15.86 -10.37
N ALA B 154 -8.58 -15.55 -9.62
CA ALA B 154 -8.24 -14.13 -9.43
C ALA B 154 -8.04 -13.40 -10.76
N PHE B 155 -7.41 -14.09 -11.73
CA PHE B 155 -7.19 -13.48 -13.05
C PHE B 155 -8.51 -13.10 -13.71
N ARG B 156 -9.45 -14.05 -13.74
CA ARG B 156 -10.74 -13.85 -14.39
C ARG B 156 -11.52 -12.76 -13.69
N ILE B 157 -11.47 -12.74 -12.36
CA ILE B 157 -12.26 -11.72 -11.66
C ILE B 157 -11.63 -10.35 -11.82
N GLY B 158 -10.28 -10.25 -11.86
CA GLY B 158 -9.66 -8.96 -12.10
C GLY B 158 -10.05 -8.47 -13.47
N TRP B 159 -10.09 -9.39 -14.48
CA TRP B 159 -10.61 -8.98 -15.80
C TRP B 159 -12.05 -8.41 -15.69
N ALA B 160 -12.94 -9.10 -14.96
CA ALA B 160 -14.32 -8.62 -14.82
C ALA B 160 -14.37 -7.24 -14.16
N ILE B 161 -13.55 -7.03 -13.11
CA ILE B 161 -13.52 -5.72 -12.43
C ILE B 161 -13.10 -4.62 -13.41
N ARG B 162 -12.01 -4.85 -14.13
CA ARG B 162 -11.56 -3.87 -15.10
C ARG B 162 -12.62 -3.60 -16.16
N THR B 163 -13.29 -4.66 -16.63
CA THR B 163 -14.33 -4.53 -17.65
C THR B 163 -15.50 -3.69 -17.15
N ALA B 164 -15.90 -3.92 -15.90
CA ALA B 164 -17.04 -3.17 -15.36
C ALA B 164 -16.64 -1.68 -15.18
N LEU B 165 -15.42 -1.43 -14.64
CA LEU B 165 -15.01 -0.03 -14.48
C LEU B 165 -14.95 0.67 -15.83
N ASP B 166 -14.46 -0.04 -16.84
CA ASP B 166 -14.36 0.56 -18.17
C ASP B 166 -15.73 0.81 -18.79
N LEU B 167 -16.74 0.01 -18.41
CA LEU B 167 -18.11 0.27 -18.86
C LEU B 167 -18.78 1.43 -18.15
N GLY B 168 -18.14 2.01 -17.15
CA GLY B 168 -18.79 3.06 -16.41
C GLY B 168 -19.39 2.66 -15.08
N PHE B 169 -19.16 1.42 -14.59
CA PHE B 169 -19.53 1.17 -13.20
C PHE B 169 -18.61 1.96 -12.29
N GLU B 170 -19.20 2.58 -11.27
CA GLU B 170 -18.52 3.54 -10.39
C GLU B 170 -18.05 2.89 -9.09
N ARG B 171 -18.47 1.65 -8.87
CA ARG B 171 -18.12 0.94 -7.66
C ARG B 171 -18.19 -0.55 -7.98
N VAL B 172 -17.16 -1.30 -7.62
CA VAL B 172 -17.13 -2.73 -7.88
C VAL B 172 -16.74 -3.45 -6.61
N TYR B 173 -17.56 -4.39 -6.19
CA TYR B 173 -17.25 -5.29 -5.08
C TYR B 173 -16.78 -6.64 -5.63
N PHE B 174 -15.94 -7.35 -4.88
CA PHE B 174 -15.77 -8.76 -5.25
C PHE B 174 -15.76 -9.61 -3.97
N ASN B 175 -16.19 -10.84 -4.12
CA ASN B 175 -16.33 -11.80 -3.00
C ASN B 175 -15.98 -13.17 -3.59
N ILE B 176 -14.69 -13.55 -3.49
CA ILE B 176 -14.16 -14.68 -4.24
C ILE B 176 -13.34 -15.57 -3.32
N GLY B 177 -13.58 -15.47 -2.00
CA GLY B 177 -12.82 -16.31 -1.09
C GLY B 177 -11.69 -15.55 -0.38
N SER B 178 -11.02 -16.22 0.54
CA SER B 178 -9.81 -15.67 1.14
C SER B 178 -8.77 -15.42 0.05
N MET B 179 -7.83 -14.49 0.30
CA MET B 179 -6.77 -14.23 -0.69
C MET B 179 -5.43 -14.14 0.00
N GLU B 180 -4.45 -14.81 -0.58
CA GLU B 180 -3.04 -14.71 -0.21
C GLU B 180 -2.40 -13.60 -1.07
N GLN B 181 -1.18 -13.21 -0.70
CA GLN B 181 -0.59 -12.03 -1.34
C GLN B 181 -0.36 -12.24 -2.84
N ASP B 182 0.07 -13.46 -3.25
CA ASP B 182 0.27 -13.69 -4.68
C ASP B 182 -1.04 -13.68 -5.47
N GLU B 183 -2.18 -14.03 -4.85
CA GLU B 183 -3.45 -13.95 -5.56
C GLU B 183 -3.88 -12.49 -5.71
N ILE B 184 -3.66 -11.69 -4.66
CA ILE B 184 -3.93 -10.26 -4.75
C ILE B 184 -3.07 -9.62 -5.83
N ASP B 185 -1.80 -10.04 -5.94
CA ASP B 185 -0.96 -9.56 -7.05
C ASP B 185 -1.66 -9.79 -8.40
N VAL B 186 -2.18 -11.03 -8.63
CA VAL B 186 -2.81 -11.32 -9.93
C VAL B 186 -4.05 -10.46 -10.15
N LEU B 187 -4.95 -10.40 -9.15
CA LEU B 187 -6.13 -9.57 -9.28
C LEU B 187 -5.74 -8.11 -9.44
N GLY B 188 -4.73 -7.68 -8.70
CA GLY B 188 -4.39 -6.26 -8.67
C GLY B 188 -3.75 -5.74 -9.95
N GLU B 189 -3.26 -6.62 -10.83
CA GLU B 189 -2.71 -6.12 -12.07
C GLU B 189 -3.78 -5.57 -12.99
N TRP B 190 -5.06 -5.75 -12.63
CA TRP B 190 -6.16 -5.27 -13.43
C TRP B 190 -6.69 -3.91 -12.99
N ILE B 191 -6.23 -3.39 -11.86
CA ILE B 191 -6.81 -2.18 -11.32
C ILE B 191 -5.71 -1.27 -10.81
N GLY B 192 -6.07 -0.05 -10.54
CA GLY B 192 -5.20 0.85 -9.86
C GLY B 192 -5.53 0.93 -8.38
N ARG B 193 -4.54 1.34 -7.61
CA ARG B 193 -4.67 1.38 -6.15
C ARG B 193 -5.79 2.31 -5.71
N GLU B 194 -6.13 3.33 -6.50
CA GLU B 194 -7.24 4.18 -6.08
C GLU B 194 -8.58 3.84 -6.76
N ASP B 195 -8.68 2.71 -7.44
CA ASP B 195 -9.92 2.39 -8.14
C ASP B 195 -10.96 2.01 -7.10
N PRO B 196 -12.28 2.23 -7.41
CA PRO B 196 -13.35 2.06 -6.37
C PRO B 196 -13.77 0.60 -6.28
N VAL B 197 -12.86 -0.22 -5.72
CA VAL B 197 -12.98 -1.66 -5.70
C VAL B 197 -12.92 -2.13 -4.25
N THR B 198 -13.97 -2.85 -3.80
CA THR B 198 -14.10 -3.29 -2.41
C THR B 198 -13.90 -4.79 -2.29
N MET B 199 -12.95 -5.23 -1.43
CA MET B 199 -12.81 -6.67 -1.17
C MET B 199 -13.83 -7.13 -0.14
N CYS B 200 -14.61 -8.18 -0.42
CA CYS B 200 -15.55 -8.72 0.57
C CYS B 200 -15.02 -10.08 1.00
N VAL B 201 -14.86 -10.30 2.33
CA VAL B 201 -14.51 -11.63 2.85
C VAL B 201 -15.27 -11.73 4.17
N PHE B 202 -16.43 -12.34 4.17
CA PHE B 202 -17.22 -12.39 5.43
C PHE B 202 -16.73 -13.54 6.29
N GLN B 203 -16.34 -13.24 7.52
CA GLN B 203 -15.82 -14.33 8.34
C GLN B 203 -16.89 -15.38 8.64
N GLU B 204 -18.19 -15.02 8.50
CA GLU B 204 -19.35 -15.88 8.72
C GLU B 204 -19.57 -16.05 10.23
N SER B 205 -18.61 -16.64 10.92
CA SER B 205 -18.61 -16.60 12.38
C SER B 205 -17.20 -16.33 12.85
N TYR B 206 -17.05 -15.44 13.83
CA TYR B 206 -15.72 -15.28 14.40
C TYR B 206 -15.45 -16.25 15.55
N ASP B 207 -16.40 -17.12 15.87
CA ASP B 207 -16.22 -18.18 16.86
C ASP B 207 -15.62 -19.39 16.13
N ARG B 208 -14.42 -19.80 16.56
CA ARG B 208 -13.71 -20.85 15.84
C ARG B 208 -14.46 -22.17 15.87
N GLU B 209 -15.18 -22.44 16.95
CA GLU B 209 -15.91 -23.70 17.06
C GLU B 209 -17.13 -23.73 16.12
N THR B 210 -17.95 -22.68 16.13
CA THR B 210 -19.03 -22.57 15.17
C THR B 210 -18.48 -22.53 13.73
N TYR B 211 -17.41 -21.78 13.52
CA TYR B 211 -16.83 -21.75 12.16
C TYR B 211 -16.45 -23.18 11.73
N ARG B 212 -15.79 -23.94 12.60
CA ARG B 212 -15.40 -25.31 12.22
C ARG B 212 -16.62 -26.19 11.92
N ARG B 213 -17.69 -26.02 12.71
CA ARG B 213 -18.90 -26.82 12.48
C ARG B 213 -19.47 -26.60 11.10
N PHE B 214 -19.44 -25.34 10.60
CA PHE B 214 -20.05 -25.04 9.31
C PHE B 214 -19.07 -25.09 8.16
N MET B 215 -17.81 -24.65 8.36
CA MET B 215 -16.88 -24.52 7.24
C MET B 215 -15.97 -25.74 7.08
N GLY B 216 -15.94 -26.66 8.04
CA GLY B 216 -15.22 -27.91 7.92
C GLY B 216 -13.88 -27.85 8.64
N LYS B 217 -13.18 -28.95 8.61
CA LYS B 217 -11.88 -29.04 9.27
C LYS B 217 -10.79 -28.77 8.26
N THR B 218 -9.66 -28.32 8.79
CA THR B 218 -8.50 -27.95 8.01
C THR B 218 -7.68 -29.18 7.66
N SER B 219 -6.78 -28.99 6.67
CA SER B 219 -5.80 -29.96 6.17
C SER B 219 -6.42 -31.08 5.36
N VAL B 220 -7.67 -30.92 4.92
CA VAL B 220 -8.26 -31.97 4.08
C VAL B 220 -8.74 -31.41 2.74
N GLY B 221 -8.14 -30.33 2.26
CA GLY B 221 -8.52 -29.83 0.95
C GLY B 221 -9.78 -29.00 0.88
N VAL B 222 -10.25 -28.47 2.02
CA VAL B 222 -11.43 -27.62 2.08
C VAL B 222 -10.91 -26.22 2.33
N PRO B 223 -10.84 -25.33 1.31
CA PRO B 223 -10.03 -24.12 1.48
C PRO B 223 -10.58 -23.17 2.53
N LYS B 224 -11.91 -23.03 2.63
CA LYS B 224 -12.43 -22.06 3.58
C LYS B 224 -12.35 -22.56 5.02
N ALA B 225 -11.96 -23.81 5.22
CA ALA B 225 -11.79 -24.26 6.61
C ALA B 225 -10.66 -23.50 7.31
N ASP B 226 -9.75 -22.88 6.56
CA ASP B 226 -8.62 -22.21 7.24
C ASP B 226 -9.05 -20.80 7.71
N PHE B 227 -9.41 -20.70 9.00
CA PHE B 227 -9.99 -19.49 9.57
C PHE B 227 -9.01 -18.33 9.48
N ASP B 228 -7.73 -18.62 9.81
CA ASP B 228 -6.73 -17.55 9.92
C ASP B 228 -6.39 -16.98 8.56
N ARG B 229 -6.21 -17.85 7.56
CA ARG B 229 -6.04 -17.29 6.22
C ARG B 229 -7.19 -16.37 5.82
N ARG B 230 -8.42 -16.76 6.20
CA ARG B 230 -9.53 -15.94 5.79
C ARG B 230 -9.49 -14.58 6.50
N VAL B 231 -9.23 -14.60 7.82
CA VAL B 231 -9.49 -13.40 8.61
C VAL B 231 -8.42 -12.31 8.40
N VAL B 232 -7.24 -12.68 7.87
CA VAL B 232 -6.21 -11.66 7.58
C VAL B 232 -6.21 -11.26 6.09
N SER B 233 -7.18 -11.76 5.30
CA SER B 233 -7.26 -11.34 3.89
C SER B 233 -7.30 -9.82 3.75
N PHE B 234 -8.12 -9.14 4.55
CA PHE B 234 -8.15 -7.67 4.44
C PHE B 234 -6.79 -7.06 4.72
N ASP B 235 -6.05 -7.62 5.69
CA ASP B 235 -4.76 -7.04 6.05
C ASP B 235 -3.77 -7.19 4.87
N ARG B 236 -3.88 -8.30 4.11
CA ARG B 236 -3.08 -8.46 2.90
C ARG B 236 -3.49 -7.46 1.82
N TRP B 237 -4.79 -7.22 1.68
CA TRP B 237 -5.28 -6.23 0.73
C TRP B 237 -4.77 -4.84 1.07
N LEU B 238 -4.83 -4.46 2.34
CA LEU B 238 -4.34 -3.13 2.75
C LEU B 238 -2.81 -3.04 2.63
N ASP B 239 -2.09 -4.15 2.90
CA ASP B 239 -0.64 -4.16 2.68
C ASP B 239 -0.30 -3.80 1.23
N ALA B 240 -1.07 -4.30 0.28
CA ALA B 240 -0.81 -4.10 -1.15
C ALA B 240 -1.15 -2.66 -1.60
N GLY B 241 -1.79 -1.85 -0.75
CA GLY B 241 -2.03 -0.46 -1.06
C GLY B 241 -3.50 -0.14 -1.36
N TYR B 242 -4.42 -1.10 -1.18
CA TYR B 242 -5.83 -0.87 -1.49
C TYR B 242 -6.49 -0.26 -0.26
N ARG B 243 -7.79 0.00 -0.34
CA ARG B 243 -8.42 0.83 0.69
CA ARG B 243 -8.42 0.82 0.69
C ARG B 243 -9.79 0.32 1.14
N TYR B 244 -10.59 -0.22 0.23
CA TYR B 244 -11.99 -0.55 0.53
C TYR B 244 -12.15 -2.02 0.91
N VAL B 245 -12.85 -2.26 2.02
CA VAL B 245 -13.03 -3.61 2.55
C VAL B 245 -14.45 -3.80 3.08
N ASN B 246 -14.82 -5.06 3.32
CA ASN B 246 -16.21 -5.40 3.68
C ASN B 246 -16.20 -6.69 4.48
N PRO B 247 -15.97 -6.59 5.80
CA PRO B 247 -16.16 -7.77 6.67
C PRO B 247 -17.63 -8.07 6.87
N GLY B 248 -17.91 -9.28 7.35
CA GLY B 248 -19.31 -9.60 7.66
C GLY B 248 -19.47 -10.82 8.53
N VAL B 249 -20.66 -10.92 9.17
CA VAL B 249 -21.05 -12.08 9.95
C VAL B 249 -22.31 -12.65 9.32
N LEU B 250 -22.41 -13.99 9.26
CA LEU B 250 -23.64 -14.61 8.78
C LEU B 250 -24.54 -14.87 9.98
N VAL B 251 -25.61 -14.10 10.09
CA VAL B 251 -26.49 -14.13 11.25
C VAL B 251 -27.39 -15.37 11.21
N GLY B 252 -27.18 -16.27 12.16
CA GLY B 252 -27.89 -17.52 12.16
C GLY B 252 -26.91 -18.69 12.29
N LEU B 253 -25.59 -18.48 12.14
CA LEU B 253 -24.66 -19.60 12.44
C LEU B 253 -24.40 -19.75 13.93
N HIS B 254 -23.80 -18.74 14.56
CA HIS B 254 -23.46 -18.80 16.00
C HIS B 254 -24.65 -18.36 16.85
N ASP B 255 -24.94 -19.08 17.95
CA ASP B 255 -26.17 -18.69 18.60
C ASP B 255 -25.99 -17.55 19.59
N ASP B 256 -24.79 -17.05 19.83
CA ASP B 256 -24.56 -15.95 20.79
C ASP B 256 -24.21 -14.69 20.01
N LEU B 257 -25.20 -13.84 19.73
CA LEU B 257 -24.86 -12.73 18.87
C LEU B 257 -23.99 -11.69 19.58
N SER B 258 -24.02 -11.62 20.91
CA SER B 258 -23.15 -10.67 21.61
C SER B 258 -21.68 -10.90 21.22
N ALA B 259 -21.29 -12.17 21.05
CA ALA B 259 -19.91 -12.49 20.69
C ALA B 259 -19.61 -12.10 19.24
N GLU B 260 -20.56 -12.34 18.33
CA GLU B 260 -20.31 -11.97 16.93
C GLU B 260 -20.28 -10.45 16.77
N LEU B 261 -21.17 -9.75 17.46
CA LEU B 261 -21.14 -8.28 17.40
C LEU B 261 -19.81 -7.72 17.89
N VAL B 262 -19.30 -8.23 19.03
CA VAL B 262 -17.99 -7.78 19.54
C VAL B 262 -16.89 -8.00 18.51
N SER B 263 -16.83 -9.20 17.94
CA SER B 263 -15.76 -9.51 16.98
C SER B 263 -15.84 -8.64 15.74
N LEU B 264 -17.05 -8.50 15.17
CA LEU B 264 -17.21 -7.72 13.94
C LEU B 264 -16.87 -6.27 14.19
N VAL B 265 -17.41 -5.70 15.26
CA VAL B 265 -17.08 -4.30 15.56
C VAL B 265 -15.57 -4.16 15.80
N ALA B 266 -14.96 -5.11 16.51
CA ALA B 266 -13.50 -5.02 16.72
C ALA B 266 -12.74 -5.13 15.39
N HIS B 267 -13.26 -5.90 14.46
CA HIS B 267 -12.61 -6.01 13.15
C HIS B 267 -12.75 -4.70 12.37
N GLY B 268 -13.96 -4.14 12.36
CA GLY B 268 -14.13 -2.86 11.68
C GLY B 268 -13.24 -1.80 12.32
N ASP B 269 -13.08 -1.84 13.64
CA ASP B 269 -12.28 -0.81 14.31
C ASP B 269 -10.78 -0.96 13.94
N HIS B 270 -10.29 -2.20 13.90
CA HIS B 270 -8.94 -2.48 13.40
C HIS B 270 -8.74 -1.95 11.99
N LEU B 271 -9.73 -2.21 11.12
CA LEU B 271 -9.61 -1.78 9.72
C LEU B 271 -9.62 -0.26 9.63
N ARG B 272 -10.44 0.40 10.44
CA ARG B 272 -10.45 1.86 10.53
C ARG B 272 -9.07 2.40 10.96
N SER B 273 -8.39 1.71 11.88
CA SER B 273 -7.10 2.20 12.39
C SER B 273 -6.00 2.06 11.36
N ARG B 274 -6.19 1.17 10.38
CA ARG B 274 -5.28 1.11 9.24
C ARG B 274 -5.64 2.11 8.14
N GLY B 275 -6.64 2.97 8.34
CA GLY B 275 -6.99 3.90 7.25
C GLY B 275 -7.94 3.36 6.19
N ALA B 276 -8.52 2.18 6.42
CA ALA B 276 -9.41 1.57 5.43
C ALA B 276 -10.82 2.17 5.53
N THR B 277 -11.54 2.07 4.42
CA THR B 277 -12.96 2.39 4.35
C THR B 277 -13.68 1.07 4.32
N ALA B 278 -14.52 0.79 5.33
CA ALA B 278 -15.13 -0.52 5.49
C ALA B 278 -16.64 -0.40 5.46
N ASP B 279 -17.28 -1.28 4.70
CA ASP B 279 -18.70 -1.57 4.83
C ASP B 279 -18.82 -2.79 5.75
N LEU B 280 -19.95 -2.89 6.45
CA LEU B 280 -20.19 -4.02 7.36
C LEU B 280 -21.44 -4.79 6.93
N SER B 281 -21.31 -6.10 6.80
CA SER B 281 -22.42 -6.96 6.37
C SER B 281 -22.86 -7.90 7.48
N VAL B 282 -24.16 -7.94 7.73
CA VAL B 282 -24.70 -8.91 8.70
C VAL B 282 -25.85 -9.66 8.01
N PRO B 283 -25.60 -10.35 6.90
CA PRO B 283 -26.69 -11.06 6.20
C PRO B 283 -27.31 -12.15 7.09
N ARG B 284 -28.63 -12.29 7.02
CA ARG B 284 -29.33 -13.35 7.68
C ARG B 284 -29.50 -14.57 6.76
N MET B 285 -29.59 -15.72 7.39
CA MET B 285 -29.71 -16.99 6.68
CA MET B 285 -29.69 -16.97 6.67
C MET B 285 -30.97 -17.03 5.84
N ARG B 286 -30.86 -17.65 4.66
CA ARG B 286 -31.96 -17.98 3.79
C ARG B 286 -32.02 -19.48 3.46
N PRO B 287 -33.18 -19.97 2.98
CA PRO B 287 -33.27 -21.38 2.57
C PRO B 287 -32.20 -21.73 1.54
N ALA B 288 -31.64 -22.91 1.69
CA ALA B 288 -30.58 -23.41 0.80
C ALA B 288 -30.56 -24.94 0.94
N MET B 289 -29.73 -25.58 0.13
CA MET B 289 -29.64 -27.03 0.21
C MET B 289 -28.56 -27.33 1.26
N LYS B 290 -28.94 -27.24 2.54
CA LYS B 290 -27.96 -27.26 3.61
C LYS B 290 -27.70 -28.70 4.07
N SER B 291 -26.53 -28.90 4.69
CA SER B 291 -26.26 -30.18 5.32
C SER B 291 -26.23 -30.08 6.85
N ARG B 292 -26.59 -28.92 7.42
CA ARG B 292 -26.57 -28.66 8.87
C ARG B 292 -27.66 -27.61 9.07
N ASP B 293 -28.45 -27.70 10.12
CA ASP B 293 -29.43 -26.63 10.35
C ASP B 293 -28.79 -25.38 10.95
N THR B 294 -29.48 -24.25 10.81
CA THR B 294 -29.05 -22.97 11.36
C THR B 294 -30.14 -22.41 12.27
N THR B 295 -29.88 -21.25 12.86
CA THR B 295 -30.77 -20.66 13.86
C THR B 295 -31.45 -19.46 13.23
N ARG B 296 -32.76 -19.30 13.43
CA ARG B 296 -33.40 -18.11 12.86
C ARG B 296 -33.35 -16.99 13.89
N VAL B 297 -32.80 -15.85 13.54
CA VAL B 297 -32.77 -14.71 14.44
C VAL B 297 -33.98 -13.85 14.10
N GLY B 298 -34.78 -13.51 15.11
CA GLY B 298 -35.97 -12.74 14.89
C GLY B 298 -35.70 -11.27 14.57
N ASP B 299 -36.73 -10.63 14.00
CA ASP B 299 -36.55 -9.26 13.51
C ASP B 299 -36.19 -8.30 14.65
N ASP B 300 -36.68 -8.54 15.86
CA ASP B 300 -36.37 -7.63 16.97
C ASP B 300 -34.89 -7.68 17.32
N ASP B 301 -34.34 -8.88 17.55
CA ASP B 301 -32.91 -8.99 17.84
C ASP B 301 -32.06 -8.50 16.66
N TYR B 302 -32.51 -8.77 15.43
CA TYR B 302 -31.73 -8.42 14.25
C TYR B 302 -31.65 -6.90 14.11
N LEU B 303 -32.78 -6.23 14.33
CA LEU B 303 -32.78 -4.77 14.29
C LEU B 303 -31.91 -4.20 15.42
N ARG B 304 -31.95 -4.82 16.60
CA ARG B 304 -31.09 -4.36 17.68
C ARG B 304 -29.62 -4.56 17.29
N LEU B 305 -29.31 -5.69 16.63
CA LEU B 305 -27.93 -5.93 16.18
C LEU B 305 -27.50 -4.88 15.15
N MET B 306 -28.30 -4.67 14.14
CA MET B 306 -28.01 -3.61 13.15
C MET B 306 -27.85 -2.26 13.83
N SER B 307 -28.71 -1.92 14.82
CA SER B 307 -28.65 -0.59 15.40
C SER B 307 -27.35 -0.37 16.18
N VAL B 308 -26.96 -1.36 16.99
CA VAL B 308 -25.75 -1.23 17.77
C VAL B 308 -24.54 -1.13 16.85
N VAL B 309 -24.46 -1.99 15.84
CA VAL B 309 -23.33 -1.89 14.90
C VAL B 309 -23.33 -0.53 14.20
N ALA B 310 -24.46 -0.12 13.66
CA ALA B 310 -24.48 1.11 12.88
C ALA B 310 -24.12 2.31 13.74
N PHE B 311 -24.60 2.32 15.00
CA PHE B 311 -24.37 3.45 15.91
C PHE B 311 -22.89 3.52 16.34
N THR B 312 -22.31 2.38 16.72
CA THR B 312 -20.94 2.40 17.21
C THR B 312 -19.92 2.51 16.08
N CYS B 313 -20.33 2.25 14.83
CA CYS B 313 -19.43 2.27 13.66
C CYS B 313 -19.97 3.24 12.62
N PRO B 314 -20.12 4.52 12.97
CA PRO B 314 -21.01 5.38 12.16
C PRO B 314 -20.47 5.78 10.81
N GLU B 315 -19.18 5.57 10.50
CA GLU B 315 -18.61 5.79 9.17
C GLU B 315 -18.53 4.51 8.36
N GLN B 316 -19.02 3.39 8.93
CA GLN B 316 -18.92 2.07 8.27
C GLN B 316 -20.32 1.63 7.91
N ARG B 317 -20.67 1.74 6.61
CA ARG B 317 -22.05 1.53 6.15
C ARG B 317 -22.45 0.09 6.35
N LEU B 318 -23.62 -0.14 6.92
CA LEU B 318 -24.20 -1.49 6.84
C LEU B 318 -24.79 -1.76 5.45
N VAL B 319 -24.61 -3.01 4.97
CA VAL B 319 -25.17 -3.43 3.69
C VAL B 319 -26.45 -4.21 3.93
N LEU B 320 -27.54 -3.80 3.28
CA LEU B 320 -28.83 -4.49 3.34
C LEU B 320 -29.14 -5.09 1.98
N THR B 321 -29.59 -6.34 1.96
CA THR B 321 -29.73 -7.07 0.70
C THR B 321 -31.12 -7.66 0.58
N THR B 322 -31.35 -8.23 -0.60
CA THR B 322 -32.63 -8.90 -0.81
C THR B 322 -32.67 -10.32 -0.22
N ARG B 323 -31.74 -10.68 0.67
CA ARG B 323 -32.05 -11.71 1.65
C ARG B 323 -33.20 -11.25 2.55
N GLU B 324 -33.46 -9.96 2.56
CA GLU B 324 -34.59 -9.53 3.40
C GLU B 324 -35.79 -9.23 2.53
N PRO B 325 -37.00 -9.46 3.04
CA PRO B 325 -38.22 -9.11 2.28
C PRO B 325 -38.44 -7.59 2.27
N GLN B 326 -39.29 -7.17 1.34
CA GLN B 326 -39.56 -5.74 1.17
C GLN B 326 -39.97 -5.08 2.47
N GLU B 327 -40.85 -5.77 3.27
CA GLU B 327 -41.37 -5.18 4.50
CA GLU B 327 -41.36 -5.14 4.48
C GLU B 327 -40.28 -4.97 5.55
N PHE B 328 -39.25 -5.82 5.54
CA PHE B 328 -38.12 -5.58 6.45
C PHE B 328 -37.19 -4.50 5.92
N GLN B 329 -36.86 -4.52 4.63
CA GLN B 329 -36.11 -3.40 4.06
C GLN B 329 -36.72 -2.04 4.42
N ASP B 330 -38.05 -1.93 4.35
CA ASP B 330 -38.64 -0.64 4.62
C ASP B 330 -38.37 -0.23 6.07
N VAL B 331 -38.42 -1.17 7.01
CA VAL B 331 -38.28 -0.76 8.41
CA VAL B 331 -38.29 -0.77 8.41
C VAL B 331 -36.82 -0.56 8.78
N ALA B 332 -35.90 -1.22 8.08
CA ALA B 332 -34.46 -1.19 8.41
C ALA B 332 -33.62 -0.25 7.57
N LEU B 333 -34.20 0.32 6.50
CA LEU B 333 -33.39 1.00 5.49
C LEU B 333 -32.59 2.16 6.09
N GLY B 334 -33.16 2.84 7.07
CA GLY B 334 -32.49 3.96 7.73
C GLY B 334 -31.24 3.58 8.50
N LEU B 335 -31.01 2.29 8.74
CA LEU B 335 -29.83 1.80 9.41
C LEU B 335 -28.72 1.45 8.40
N ALA B 336 -29.06 1.40 7.13
CA ALA B 336 -28.12 0.93 6.10
C ALA B 336 -27.41 2.12 5.41
N GLY B 337 -26.18 1.86 4.89
CA GLY B 337 -25.58 2.81 3.99
C GLY B 337 -25.43 2.26 2.57
N VAL B 338 -25.66 0.96 2.38
CA VAL B 338 -25.58 0.34 1.06
C VAL B 338 -26.83 -0.51 0.91
N ILE B 339 -27.49 -0.45 -0.27
CA ILE B 339 -28.63 -1.34 -0.55
C ILE B 339 -28.20 -2.20 -1.74
N SER B 340 -28.33 -3.54 -1.61
CA SER B 340 -27.80 -4.43 -2.63
C SER B 340 -28.86 -5.44 -3.03
N PRO B 341 -29.67 -5.15 -4.04
CA PRO B 341 -30.68 -6.08 -4.52
C PRO B 341 -30.11 -6.95 -5.64
N GLY B 342 -30.57 -8.19 -5.72
CA GLY B 342 -30.01 -9.08 -6.74
C GLY B 342 -30.29 -10.51 -6.37
N SER B 343 -29.75 -11.41 -7.19
CA SER B 343 -30.10 -12.79 -7.05
C SER B 343 -28.79 -13.58 -7.07
N PRO B 344 -28.66 -14.59 -6.22
CA PRO B 344 -27.42 -15.34 -6.09
C PRO B 344 -27.39 -16.55 -7.02
N ASP B 345 -27.81 -16.35 -8.24
CA ASP B 345 -27.86 -17.40 -9.25
C ASP B 345 -26.85 -16.95 -10.31
N VAL B 346 -26.32 -17.86 -11.11
CA VAL B 346 -25.29 -17.47 -12.11
C VAL B 346 -25.96 -16.81 -13.32
N ALA B 347 -25.47 -15.61 -13.68
CA ALA B 347 -25.93 -14.86 -14.84
C ALA B 347 -27.46 -14.85 -14.93
N PRO B 348 -28.12 -14.38 -13.88
CA PRO B 348 -29.58 -14.53 -13.78
C PRO B 348 -30.37 -13.34 -14.32
N TYR B 349 -29.71 -12.27 -14.75
CA TYR B 349 -30.43 -11.05 -15.08
C TYR B 349 -30.90 -11.08 -16.53
N ARG B 350 -32.08 -10.49 -16.75
CA ARG B 350 -32.71 -10.52 -18.05
C ARG B 350 -33.31 -9.18 -18.32
N ALA B 351 -33.19 -8.68 -19.54
CA ALA B 351 -33.82 -7.41 -19.85
C ALA B 351 -35.33 -7.60 -19.71
N GLY B 352 -35.99 -6.61 -19.13
CA GLY B 352 -37.42 -6.72 -19.21
C GLY B 352 -38.14 -7.65 -18.23
N CYS B 353 -37.44 -8.31 -17.28
CA CYS B 353 -38.18 -9.08 -16.29
C CYS B 353 -37.32 -9.30 -15.05
N GLU B 354 -37.92 -9.97 -14.04
CA GLU B 354 -37.23 -10.28 -12.78
C GLU B 354 -36.11 -11.31 -13.00
N ALA B 355 -35.06 -11.23 -12.16
CA ALA B 355 -33.94 -12.16 -12.32
C ALA B 355 -34.36 -13.59 -11.95
N ARG B 356 -33.70 -14.56 -12.58
CA ARG B 356 -33.83 -15.97 -12.14
C ARG B 356 -33.26 -16.16 -10.73
N ASN B 357 -33.83 -17.10 -9.98
CA ASN B 357 -33.30 -17.53 -8.65
C ASN B 357 -33.64 -19.02 -8.55
N ASP B 358 -33.11 -19.80 -9.48
CA ASP B 358 -33.44 -21.22 -9.61
CA ASP B 358 -33.44 -21.21 -9.60
C ASP B 358 -32.85 -22.02 -8.46
N GLU B 359 -33.67 -22.84 -7.83
CA GLU B 359 -33.19 -23.74 -6.78
C GLU B 359 -32.06 -24.65 -7.27
N LYS B 360 -32.06 -25.01 -8.52
CA LYS B 360 -31.05 -25.97 -8.95
C LYS B 360 -29.68 -25.32 -9.20
N SER B 361 -29.59 -23.99 -9.25
CA SER B 361 -28.27 -23.37 -9.50
C SER B 361 -27.91 -22.25 -8.52
N SER B 362 -28.80 -21.85 -7.66
CA SER B 362 -28.52 -20.68 -6.81
C SER B 362 -27.83 -21.04 -5.50
N GLN B 363 -27.15 -20.03 -4.90
CA GLN B 363 -26.57 -20.21 -3.56
C GLN B 363 -27.63 -20.37 -2.47
N PHE B 364 -28.76 -19.64 -2.56
CA PHE B 364 -29.83 -19.65 -1.58
C PHE B 364 -31.03 -18.98 -2.23
N LEU B 365 -32.17 -19.01 -1.56
CA LEU B 365 -33.38 -18.40 -2.08
CA LEU B 365 -33.41 -18.42 -2.04
C LEU B 365 -33.57 -16.99 -1.50
N VAL B 366 -33.70 -16.00 -2.40
CA VAL B 366 -33.92 -14.58 -1.99
C VAL B 366 -35.32 -14.42 -1.42
N ALA B 367 -35.50 -13.36 -0.62
CA ALA B 367 -36.82 -13.06 -0.09
C ALA B 367 -37.55 -11.98 -0.90
N ASP B 368 -36.86 -11.36 -1.82
CA ASP B 368 -37.40 -10.25 -2.63
C ASP B 368 -36.88 -10.42 -4.04
N LEU B 369 -37.77 -10.77 -4.96
CA LEU B 369 -37.35 -11.02 -6.34
C LEU B 369 -37.52 -9.79 -7.23
N ARG B 370 -37.98 -8.65 -6.68
CA ARG B 370 -38.25 -7.45 -7.53
C ARG B 370 -37.00 -7.00 -8.28
N ARG B 371 -37.22 -6.44 -9.48
CA ARG B 371 -36.09 -5.89 -10.22
C ARG B 371 -35.41 -4.76 -9.44
N PRO B 372 -34.08 -4.69 -9.45
CA PRO B 372 -33.38 -3.56 -8.84
C PRO B 372 -33.94 -2.19 -9.22
N ARG B 373 -34.30 -1.96 -10.49
CA ARG B 373 -34.80 -0.64 -10.88
C ARG B 373 -36.10 -0.30 -10.14
N HIS B 374 -36.93 -1.32 -9.85
CA HIS B 374 -38.16 -1.09 -9.08
C HIS B 374 -37.92 -0.92 -7.59
N ILE B 375 -37.06 -1.75 -7.00
CA ILE B 375 -36.68 -1.58 -5.59
C ILE B 375 -36.12 -0.19 -5.37
N LEU B 376 -35.11 0.17 -6.17
CA LEU B 376 -34.39 1.45 -5.99
C LEU B 376 -35.25 2.65 -6.38
N GLY B 377 -36.06 2.49 -7.44
CA GLY B 377 -36.95 3.58 -7.85
C GLY B 377 -37.98 3.87 -6.77
N ARG B 378 -38.47 2.81 -6.13
CA ARG B 378 -39.41 3.02 -5.04
C ARG B 378 -38.72 3.71 -3.84
N ILE B 379 -37.47 3.33 -3.53
CA ILE B 379 -36.72 3.96 -2.44
C ILE B 379 -36.54 5.45 -2.72
N GLU B 380 -36.16 5.80 -3.96
CA GLU B 380 -36.04 7.21 -4.34
C GLU B 380 -37.37 7.93 -4.25
N ALA B 381 -38.45 7.32 -4.78
CA ALA B 381 -39.74 8.02 -4.71
C ALA B 381 -40.18 8.24 -3.26
N SER B 382 -39.74 7.39 -2.35
CA SER B 382 -40.14 7.58 -0.96
C SER B 382 -39.24 8.57 -0.24
N GLY B 383 -38.21 9.10 -0.90
CA GLY B 383 -37.45 10.22 -0.39
C GLY B 383 -35.98 9.98 -0.05
N THR B 384 -35.42 8.79 -0.37
CA THR B 384 -34.00 8.57 -0.18
C THR B 384 -33.34 8.42 -1.55
N PRO B 385 -32.54 9.39 -2.00
CA PRO B 385 -31.74 9.19 -3.23
C PRO B 385 -30.80 7.99 -3.07
N VAL B 386 -30.54 7.31 -4.19
CA VAL B 386 -29.62 6.17 -4.20
C VAL B 386 -28.49 6.47 -5.17
N ASP B 387 -27.29 6.69 -4.63
CA ASP B 387 -26.13 6.91 -5.46
C ASP B 387 -25.84 5.64 -6.23
N HIS B 388 -25.35 5.81 -7.45
CA HIS B 388 -25.02 4.73 -8.38
C HIS B 388 -26.26 4.04 -8.92
N PHE B 389 -27.38 4.74 -8.90
CA PHE B 389 -28.59 4.31 -9.57
C PHE B 389 -29.08 5.46 -10.43
N VAL B 390 -29.24 5.19 -11.73
CA VAL B 390 -29.72 6.16 -12.70
C VAL B 390 -30.97 5.51 -13.29
N ASN B 391 -32.13 5.90 -12.80
CA ASN B 391 -33.33 5.14 -13.11
C ASN B 391 -33.53 5.10 -14.63
N PRO B 392 -33.66 3.90 -15.25
CA PRO B 392 -33.86 3.82 -16.73
C PRO B 392 -35.10 4.53 -17.25
N ALA B 393 -36.11 4.75 -16.41
CA ALA B 393 -37.36 5.37 -16.91
C ALA B 393 -37.22 6.88 -17.16
#